data_9S9C
#
_entry.id   9S9C
#
_cell.length_a   118.613
_cell.length_b   118.613
_cell.length_c   155.623
_cell.angle_alpha   90.000
_cell.angle_beta   90.000
_cell.angle_gamma   90.000
#
_symmetry.space_group_name_H-M   'P 41 21 2'
#
loop_
_entity.id
_entity.type
_entity.pdbx_description
1 polymer 'Serine/threonine-protein kinase BRI1-like 2'
2 branched 2-acetamido-2-deoxy-beta-D-glucopyranose-(1-4)-2-acetamido-2-deoxy-beta-D-glucopyranose
3 branched 2-acetamido-2-deoxy-beta-D-glucopyranose-(1-4)-[alpha-L-fucopyranose-(1-6)]2-acetamido-2-deoxy-beta-D-glucopyranose
4 non-polymer 2-acetamido-2-deoxy-beta-D-glucopyranose
5 water water
#
_entity_poly.entity_id   1
_entity_poly.type   'polypeptide(L)'
_entity_poly.pdbx_seq_one_letter_code
;MTTSPIRVRIRTRIQISFIFLLTHLSQSSSSDQSSLKTDSLSLLSFKTMIQDDPNNILSNWSPRKSPCQFSGVTCLGGRV
TEINLSGSGLSGIVSFNAFTSLDSLSVLKLSENFFVLNSTSLLLLPLTLTHLELSSSGLIGTLPENFFSKYSNLISITLS
YNNFTGKLPNDLFLSSKKLQTLDLSYNNITGPISGLTIPLSSCVSMTYLDFSGNSISGYISDSLINCTNLKSLNLSYNNF
DGQIPKSFGELKLLQSLDLSHNRLTGWIPPEIGDTCRSLQNLRLSYNNFTGVIPESLSSCSWLQSLDLSNNNISGPFPNT
ILRSFGSLQILLLSNNLISGDFPTSISACKSLRIADFSSNRFSGVIPPDLCPGAASLEELRLPDNLVTGEIPPAISQCSE
LRTIDLSLNYLNGTIPPEIGNLQKLEQFIAWYNNIAGEIPPEIGKLQNLKDLILNNNQLTGEIPPEFFNCSNIEWVSFTS
NRLTGEVPKDFGILSRLAVLQLGNNNFTGEIPPELGKCTTLVWLDLNTNHLTGEIPPRLGRQPGSKALSGLLSGNTMAFV
RNVGNSCKGVGGLVEFSGIRPERLLQIPSLKSCDFTRMYSGPILSLFTRYQTIEYLDLSYNQLRGKIPDEIGEMIALQVL
ELSHNQLSGEIPFTIGQLKNLGVFDASDNRLQGQIPESFSNLSFLVQIDLSNNELTGPIPQRGQLSTLPATQYANNPGLC
GVPLPECKNGNNQAAAENLYFQ
;
_entity_poly.pdbx_strand_id   A
#
loop_
_chem_comp.id
_chem_comp.type
_chem_comp.name
_chem_comp.formula
FUC L-saccharide, alpha linking alpha-L-fucopyranose 'C6 H12 O5'
NAG D-saccharide, beta linking 2-acetamido-2-deoxy-beta-D-glucopyranose 'C8 H15 N O6'
#
# COMPACT_ATOMS: atom_id res chain seq x y z
N GLN A 33 53.45 -17.73 -4.96
CA GLN A 33 54.21 -18.02 -3.75
C GLN A 33 53.36 -18.79 -2.74
N SER A 34 52.24 -19.34 -3.21
CA SER A 34 51.32 -20.05 -2.33
C SER A 34 50.54 -21.06 -3.16
N SER A 35 49.93 -22.01 -2.45
CA SER A 35 49.07 -23.02 -3.07
C SER A 35 47.89 -23.23 -2.14
N LEU A 36 47.17 -24.35 -2.32
CA LEU A 36 46.22 -24.75 -1.29
C LEU A 36 46.92 -24.99 0.04
N LYS A 37 48.25 -25.13 0.02
CA LYS A 37 49.01 -25.15 1.26
C LYS A 37 48.65 -23.97 2.15
N THR A 38 48.37 -22.81 1.54
CA THR A 38 48.00 -21.62 2.29
C THR A 38 46.51 -21.32 2.24
N ASP A 39 45.82 -21.75 1.18
CA ASP A 39 44.38 -21.48 1.07
C ASP A 39 43.59 -22.28 2.10
N SER A 40 43.79 -23.61 2.12
CA SER A 40 43.08 -24.44 3.08
C SER A 40 43.35 -24.01 4.51
N LEU A 41 44.56 -23.49 4.79
CA LEU A 41 44.83 -22.94 6.11
C LEU A 41 44.04 -21.67 6.36
N SER A 42 43.86 -20.86 5.31
CA SER A 42 43.13 -19.60 5.46
C SER A 42 41.66 -19.86 5.75
N LEU A 43 41.03 -20.79 5.03
CA LEU A 43 39.61 -21.06 5.24
C LEU A 43 39.34 -21.52 6.67
N LEU A 44 40.18 -22.42 7.20
CA LEU A 44 40.00 -22.88 8.57
C LEU A 44 40.33 -21.80 9.59
N SER A 45 41.13 -20.80 9.20
CA SER A 45 41.34 -19.64 10.08
C SER A 45 40.06 -18.82 10.24
N PHE A 46 39.18 -18.88 9.24
CA PHE A 46 37.88 -18.22 9.35
C PHE A 46 36.94 -19.01 10.25
N LYS A 47 36.97 -20.34 10.18
CA LYS A 47 36.12 -21.16 11.04
C LYS A 47 36.39 -20.89 12.51
N THR A 48 37.64 -20.56 12.86
CA THR A 48 37.96 -20.25 14.25
C THR A 48 37.19 -19.02 14.73
N MET A 49 37.14 -17.98 13.90
CA MET A 49 36.44 -16.76 14.28
C MET A 49 34.95 -17.01 14.45
N ILE A 50 34.38 -17.89 13.63
CA ILE A 50 32.97 -18.22 13.73
C ILE A 50 32.71 -18.91 15.07
N GLN A 51 31.71 -18.41 15.80
CA GLN A 51 31.30 -19.00 17.06
C GLN A 51 29.89 -19.58 17.01
N ASP A 52 29.25 -19.55 15.84
CA ASP A 52 27.90 -20.09 15.69
C ASP A 52 27.68 -20.40 14.22
N ASP A 53 27.20 -21.61 13.94
CA ASP A 53 26.91 -22.07 12.58
C ASP A 53 25.49 -22.62 12.59
N PRO A 54 24.47 -21.77 12.42
CA PRO A 54 23.10 -22.27 12.53
C PRO A 54 22.81 -23.45 11.62
N ASN A 55 23.07 -23.31 10.32
CA ASN A 55 22.86 -24.38 9.37
C ASN A 55 24.08 -25.28 9.19
N ASN A 56 25.13 -25.08 9.98
CA ASN A 56 26.30 -25.94 9.97
C ASN A 56 26.91 -26.03 8.57
N ILE A 57 27.06 -24.87 7.93
CA ILE A 57 27.71 -24.85 6.62
C ILE A 57 29.17 -25.25 6.74
N LEU A 58 29.85 -24.78 7.79
CA LEU A 58 31.26 -25.06 8.00
C LEU A 58 31.50 -26.40 8.70
N SER A 59 30.53 -27.30 8.66
CA SER A 59 30.70 -28.60 9.29
C SER A 59 31.77 -29.42 8.59
N ASN A 60 31.76 -29.43 7.26
CA ASN A 60 32.70 -30.21 6.47
C ASN A 60 33.99 -29.46 6.19
N TRP A 61 34.20 -28.30 6.83
CA TRP A 61 35.46 -27.57 6.72
C TRP A 61 36.47 -28.19 7.66
N SER A 62 37.15 -29.24 7.19
CA SER A 62 38.12 -29.98 7.98
C SER A 62 39.44 -30.06 7.23
N PRO A 63 40.56 -30.05 7.95
CA PRO A 63 41.86 -30.19 7.27
C PRO A 63 42.04 -31.53 6.56
N ARG A 64 41.29 -32.56 6.98
CA ARG A 64 41.33 -33.82 6.24
C ARG A 64 40.63 -33.71 4.90
N LYS A 65 39.69 -32.79 4.77
CA LYS A 65 38.99 -32.53 3.52
C LYS A 65 39.71 -31.43 2.76
N SER A 66 39.66 -31.51 1.43
CA SER A 66 40.25 -30.48 0.57
C SER A 66 39.31 -29.27 0.48
N PRO A 67 39.87 -28.07 0.31
CA PRO A 67 39.00 -26.89 0.19
C PRO A 67 38.11 -26.90 -1.04
N CYS A 68 38.44 -27.69 -2.06
CA CYS A 68 37.60 -27.74 -3.25
C CYS A 68 36.23 -28.33 -2.93
N GLN A 69 36.15 -29.17 -1.90
CA GLN A 69 34.88 -29.76 -1.48
C GLN A 69 34.30 -29.08 -0.25
N PHE A 70 34.97 -28.07 0.29
CA PHE A 70 34.39 -27.30 1.39
C PHE A 70 33.07 -26.68 0.94
N SER A 71 32.08 -26.71 1.84
CA SER A 71 30.78 -26.14 1.54
C SER A 71 30.90 -24.64 1.30
N GLY A 72 30.51 -24.20 0.12
CA GLY A 72 30.53 -22.80 -0.23
C GLY A 72 31.82 -22.32 -0.85
N VAL A 73 32.74 -23.21 -1.17
CA VAL A 73 34.04 -22.87 -1.74
C VAL A 73 34.12 -23.44 -3.14
N THR A 74 34.77 -22.68 -4.03
CA THR A 74 34.96 -23.10 -5.42
C THR A 74 36.40 -22.82 -5.81
N CYS A 75 37.00 -23.78 -6.52
CA CYS A 75 38.37 -23.64 -7.00
C CYS A 75 38.37 -23.68 -8.53
N LEU A 76 39.38 -23.03 -9.11
CA LEU A 76 39.60 -23.08 -10.56
C LEU A 76 41.10 -23.17 -10.78
N GLY A 77 41.55 -24.29 -11.35
CA GLY A 77 42.96 -24.53 -11.56
C GLY A 77 43.71 -25.05 -10.36
N GLY A 78 43.01 -25.33 -9.25
CA GLY A 78 43.62 -25.87 -8.07
C GLY A 78 43.62 -24.93 -6.88
N ARG A 79 43.44 -23.63 -7.12
CA ARG A 79 43.44 -22.61 -6.08
C ARG A 79 42.02 -22.12 -5.82
N VAL A 80 41.77 -21.71 -4.58
CA VAL A 80 40.46 -21.22 -4.20
C VAL A 80 40.16 -19.92 -4.94
N THR A 81 38.95 -19.81 -5.46
CA THR A 81 38.54 -18.64 -6.23
C THR A 81 37.29 -17.97 -5.70
N GLU A 82 36.28 -18.76 -5.30
CA GLU A 82 35.02 -18.22 -4.80
C GLU A 82 34.72 -18.79 -3.42
N ILE A 83 34.13 -17.95 -2.57
CA ILE A 83 33.68 -18.36 -1.25
C ILE A 83 32.33 -17.71 -1.00
N ASN A 84 31.25 -18.49 -1.13
CA ASN A 84 29.90 -17.98 -0.99
C ASN A 84 29.27 -18.57 0.27
N LEU A 85 29.16 -17.74 1.31
CA LEU A 85 28.43 -18.08 2.53
C LEU A 85 27.28 -17.12 2.76
N SER A 86 26.71 -16.58 1.67
CA SER A 86 25.64 -15.61 1.79
C SER A 86 24.37 -16.27 2.32
N GLY A 87 23.63 -15.54 3.14
CA GLY A 87 22.39 -16.04 3.70
C GLY A 87 22.53 -17.21 4.64
N SER A 88 23.75 -17.70 4.86
CA SER A 88 23.96 -18.85 5.73
C SER A 88 23.62 -18.57 7.19
N GLY A 89 23.43 -17.30 7.55
CA GLY A 89 23.13 -16.95 8.92
C GLY A 89 24.28 -17.11 9.88
N LEU A 90 25.50 -17.28 9.39
CA LEU A 90 26.65 -17.45 10.27
C LEU A 90 26.76 -16.26 11.22
N SER A 91 27.27 -16.53 12.43
CA SER A 91 27.37 -15.53 13.47
C SER A 91 28.72 -15.66 14.15
N GLY A 92 29.49 -14.58 14.16
CA GLY A 92 30.77 -14.59 14.82
C GLY A 92 31.33 -13.19 14.92
N ILE A 93 32.61 -13.12 15.30
CA ILE A 93 33.34 -11.86 15.39
C ILE A 93 34.53 -12.01 14.45
N VAL A 94 34.32 -11.68 13.18
CA VAL A 94 35.22 -12.06 12.09
C VAL A 94 36.08 -10.88 11.69
N SER A 95 37.28 -11.19 11.18
CA SER A 95 38.17 -10.24 10.53
C SER A 95 38.60 -10.81 9.19
N PHE A 96 38.80 -9.93 8.22
CA PHE A 96 39.16 -10.34 6.86
C PHE A 96 40.66 -10.60 6.69
N ASN A 97 41.43 -10.68 7.78
CA ASN A 97 42.82 -11.05 7.67
C ASN A 97 42.98 -12.51 7.26
N ALA A 98 41.97 -13.35 7.51
CA ALA A 98 42.02 -14.76 7.15
C ALA A 98 41.75 -14.99 5.66
N PHE A 99 41.67 -13.93 4.86
CA PHE A 99 41.56 -14.05 3.41
C PHE A 99 42.75 -13.49 2.66
N THR A 100 43.58 -12.64 3.30
CA THR A 100 44.64 -11.94 2.60
C THR A 100 45.50 -12.89 1.78
N SER A 101 45.93 -13.99 2.38
CA SER A 101 46.81 -14.93 1.69
C SER A 101 46.10 -15.62 0.53
N LEU A 102 44.78 -15.66 0.52
CA LEU A 102 44.02 -16.19 -0.60
C LEU A 102 44.19 -15.27 -1.81
N ASP A 103 45.38 -15.26 -2.40
CA ASP A 103 45.66 -14.42 -3.55
C ASP A 103 45.09 -14.99 -4.84
N SER A 104 44.15 -15.92 -4.75
CA SER A 104 43.41 -16.41 -5.91
C SER A 104 41.91 -16.17 -5.77
N LEU A 105 41.46 -15.50 -4.72
CA LEU A 105 40.04 -15.32 -4.45
C LEU A 105 39.49 -14.20 -5.32
N SER A 106 38.55 -14.54 -6.20
CA SER A 106 37.93 -13.56 -7.08
C SER A 106 36.51 -13.20 -6.68
N VAL A 107 35.80 -14.06 -5.96
CA VAL A 107 34.43 -13.79 -5.52
C VAL A 107 34.36 -13.99 -4.02
N LEU A 108 33.73 -13.04 -3.33
CA LEU A 108 33.53 -13.10 -1.89
C LEU A 108 32.10 -12.66 -1.61
N LYS A 109 31.25 -13.64 -1.30
CA LYS A 109 29.83 -13.41 -1.04
C LYS A 109 29.52 -13.90 0.37
N LEU A 110 29.43 -12.97 1.32
CA LEU A 110 29.10 -13.26 2.71
C LEU A 110 27.90 -12.44 3.16
N SER A 111 26.93 -12.26 2.28
CA SER A 111 25.76 -11.44 2.60
C SER A 111 24.86 -12.15 3.62
N GLU A 112 24.08 -11.35 4.34
CA GLU A 112 23.11 -11.84 5.30
C GLU A 112 23.76 -12.85 6.26
N ASN A 113 24.62 -12.32 7.11
CA ASN A 113 25.27 -13.10 8.16
C ASN A 113 25.43 -12.22 9.39
N PHE A 114 25.15 -12.79 10.56
CA PHE A 114 25.08 -12.02 11.80
C PHE A 114 26.41 -12.03 12.53
N PHE A 115 27.43 -11.49 11.87
CA PHE A 115 28.78 -11.40 12.44
C PHE A 115 29.23 -9.94 12.42
N VAL A 116 29.97 -9.55 13.46
CA VAL A 116 30.46 -8.18 13.59
C VAL A 116 31.76 -8.03 12.79
N LEU A 117 32.01 -6.83 12.31
CA LEU A 117 33.16 -6.57 11.46
C LEU A 117 33.40 -5.08 11.34
N ASN A 118 34.67 -4.68 11.44
CA ASN A 118 35.05 -3.28 11.36
C ASN A 118 35.25 -2.88 9.91
N SER A 119 34.91 -1.61 9.61
CA SER A 119 34.90 -1.16 8.22
C SER A 119 36.29 -1.13 7.61
N THR A 120 37.32 -0.92 8.44
CA THR A 120 38.69 -0.92 7.93
C THR A 120 39.11 -2.29 7.43
N SER A 121 38.42 -3.36 7.83
CA SER A 121 38.77 -4.71 7.42
C SER A 121 38.63 -4.93 5.92
N LEU A 122 37.97 -4.02 5.21
CA LEU A 122 37.90 -4.15 3.75
C LEU A 122 39.28 -4.08 3.13
N LEU A 123 40.21 -3.39 3.77
CA LEU A 123 41.55 -3.21 3.22
C LEU A 123 42.42 -4.46 3.34
N LEU A 124 41.99 -5.48 4.09
CA LEU A 124 42.75 -6.70 4.28
C LEU A 124 42.34 -7.81 3.32
N LEU A 125 41.59 -7.46 2.26
CA LEU A 125 41.09 -8.46 1.32
C LEU A 125 42.06 -8.67 0.18
N PRO A 126 42.00 -9.82 -0.49
CA PRO A 126 42.89 -10.05 -1.64
C PRO A 126 42.63 -9.02 -2.73
N LEU A 127 43.71 -8.52 -3.34
CA LEU A 127 43.57 -7.61 -4.47
C LEU A 127 43.15 -8.33 -5.75
N THR A 128 43.04 -9.65 -5.72
CA THR A 128 42.53 -10.41 -6.85
C THR A 128 41.02 -10.51 -6.85
N LEU A 129 40.34 -9.70 -6.04
CA LEU A 129 38.89 -9.78 -5.91
C LEU A 129 38.22 -8.98 -7.01
N THR A 130 37.15 -9.55 -7.56
CA THR A 130 36.34 -8.90 -8.60
C THR A 130 34.90 -8.68 -8.16
N HIS A 131 34.23 -9.72 -7.65
CA HIS A 131 32.91 -9.59 -7.07
C HIS A 131 33.04 -9.46 -5.55
N LEU A 132 32.15 -8.66 -4.96
CA LEU A 132 32.19 -8.43 -3.51
C LEU A 132 30.77 -8.10 -3.07
N GLU A 133 30.10 -9.06 -2.43
CA GLU A 133 28.75 -8.89 -1.89
C GLU A 133 28.83 -9.02 -0.37
N LEU A 134 28.62 -7.92 0.32
CA LEU A 134 28.56 -7.89 1.79
C LEU A 134 27.29 -7.13 2.23
N SER A 135 26.13 -7.64 1.81
CA SER A 135 24.86 -7.06 2.17
C SER A 135 24.42 -7.63 3.52
N SER A 136 24.18 -6.74 4.48
CA SER A 136 23.72 -7.14 5.81
C SER A 136 24.69 -8.15 6.43
N SER A 137 25.98 -7.83 6.34
CA SER A 137 27.04 -8.69 6.86
C SER A 137 27.58 -8.22 8.19
N GLY A 138 27.07 -7.12 8.73
CA GLY A 138 27.50 -6.65 10.03
C GLY A 138 28.68 -5.72 10.03
N LEU A 139 28.89 -4.97 8.95
CA LEU A 139 29.96 -4.00 8.89
C LEU A 139 29.58 -2.74 9.67
N ILE A 140 30.58 -2.12 10.29
CA ILE A 140 30.38 -0.93 11.11
C ILE A 140 31.55 0.02 10.87
N GLY A 141 31.24 1.31 10.72
CA GLY A 141 32.27 2.32 10.65
C GLY A 141 32.33 3.04 9.32
N THR A 142 32.93 4.23 9.31
CA THR A 142 33.03 5.01 8.08
C THR A 142 33.77 4.22 7.01
N LEU A 143 33.40 4.47 5.76
CA LEU A 143 34.09 3.83 4.64
C LEU A 143 35.55 4.27 4.64
N PRO A 144 36.50 3.34 4.50
CA PRO A 144 37.91 3.73 4.53
C PRO A 144 38.36 4.34 3.23
N GLU A 145 39.36 5.21 3.34
CA GLU A 145 40.04 5.75 2.17
C GLU A 145 40.97 4.70 1.57
N ASN A 146 41.32 4.89 0.30
CA ASN A 146 42.24 4.01 -0.41
C ASN A 146 41.75 2.56 -0.42
N PHE A 147 40.47 2.38 -0.71
CA PHE A 147 39.89 1.06 -0.97
C PHE A 147 39.30 0.98 -2.37
N PHE A 148 38.38 1.90 -2.73
CA PHE A 148 37.86 1.92 -4.09
C PHE A 148 38.94 2.27 -5.10
N SER A 149 39.90 3.12 -4.71
CA SER A 149 41.00 3.48 -5.58
C SER A 149 42.13 2.47 -5.57
N LYS A 150 42.10 1.51 -4.64
CA LYS A 150 43.13 0.48 -4.51
C LYS A 150 42.71 -0.80 -5.22
N TYR A 151 41.57 -1.37 -4.83
CA TYR A 151 41.09 -2.62 -5.42
C TYR A 151 40.60 -2.32 -6.83
N SER A 152 41.56 -2.19 -7.75
CA SER A 152 41.29 -1.83 -9.12
C SER A 152 40.86 -3.02 -9.98
N ASN A 153 40.57 -4.16 -9.37
CA ASN A 153 40.01 -5.29 -10.08
C ASN A 153 38.55 -5.55 -9.75
N LEU A 154 37.96 -4.76 -8.84
CA LEU A 154 36.56 -4.93 -8.49
C LEU A 154 35.67 -4.42 -9.62
N ILE A 155 34.77 -5.28 -10.08
CA ILE A 155 33.76 -4.90 -11.04
C ILE A 155 32.42 -4.60 -10.40
N SER A 156 32.12 -5.34 -9.33
CA SER A 156 30.87 -5.21 -8.61
C SER A 156 31.15 -5.04 -7.13
N ILE A 157 30.52 -4.03 -6.52
CA ILE A 157 30.69 -3.73 -5.10
C ILE A 157 29.31 -3.50 -4.51
N THR A 158 28.88 -4.40 -3.63
CA THR A 158 27.61 -4.28 -2.92
C THR A 158 27.87 -4.34 -1.43
N LEU A 159 27.79 -3.17 -0.77
CA LEU A 159 27.94 -3.07 0.67
C LEU A 159 26.70 -2.44 1.29
N SER A 160 25.52 -3.02 1.04
CA SER A 160 24.25 -2.44 1.45
C SER A 160 23.81 -2.98 2.80
N TYR A 161 22.99 -2.19 3.49
CA TYR A 161 22.37 -2.59 4.77
C TYR A 161 23.42 -2.91 5.83
N ASN A 162 24.35 -1.97 6.01
CA ASN A 162 25.31 -2.00 7.11
C ASN A 162 25.19 -0.69 7.88
N ASN A 163 26.26 -0.25 8.54
CA ASN A 163 26.25 0.98 9.32
C ASN A 163 27.52 1.79 9.02
N PHE A 164 27.68 2.19 7.76
CA PHE A 164 28.76 3.08 7.35
C PHE A 164 28.33 4.54 7.60
N THR A 165 28.32 4.91 8.87
CA THR A 165 28.06 6.32 9.17
C THR A 165 29.15 7.19 8.55
N GLY A 166 29.02 8.49 8.66
CA GLY A 166 30.01 9.39 8.14
C GLY A 166 29.89 9.60 6.65
N LYS A 167 30.94 10.19 6.08
CA LYS A 167 30.94 10.61 4.69
C LYS A 167 31.49 9.51 3.78
N LEU A 168 31.44 9.77 2.47
CA LEU A 168 32.03 8.91 1.48
C LEU A 168 33.52 9.22 1.35
N PRO A 169 34.34 8.21 1.02
CA PRO A 169 35.78 8.48 0.86
C PRO A 169 36.03 9.31 -0.38
N ASN A 170 36.97 10.26 -0.25
CA ASN A 170 37.30 11.11 -1.39
C ASN A 170 37.77 10.28 -2.59
N ASP A 171 38.37 9.12 -2.34
CA ASP A 171 38.86 8.25 -3.40
C ASP A 171 37.78 7.31 -3.93
N LEU A 172 36.51 7.62 -3.69
CA LEU A 172 35.44 6.70 -4.09
C LEU A 172 35.41 6.52 -5.61
N PHE A 173 35.68 7.59 -6.37
CA PHE A 173 35.56 7.53 -7.82
C PHE A 173 36.86 7.89 -8.54
N LEU A 174 38.00 7.79 -7.85
CA LEU A 174 39.25 8.28 -8.44
C LEU A 174 39.97 7.25 -9.29
N SER A 175 39.78 5.96 -9.03
CA SER A 175 40.47 4.93 -9.78
C SER A 175 39.62 3.65 -9.74
N SER A 176 38.49 3.69 -10.45
CA SER A 176 37.57 2.56 -10.54
C SER A 176 37.17 2.36 -12.01
N LYS A 177 38.19 2.14 -12.85
CA LYS A 177 37.97 2.00 -14.28
C LYS A 177 37.03 0.83 -14.59
N LYS A 178 37.15 -0.26 -13.84
CA LYS A 178 36.41 -1.48 -14.13
C LYS A 178 35.18 -1.65 -13.26
N LEU A 179 34.98 -0.78 -12.28
CA LEU A 179 33.80 -0.88 -11.41
C LEU A 179 32.55 -0.57 -12.22
N GLN A 180 31.66 -1.56 -12.32
CA GLN A 180 30.39 -1.42 -13.01
C GLN A 180 29.22 -1.19 -12.06
N THR A 181 29.24 -1.82 -10.89
CA THR A 181 28.10 -1.86 -9.98
C THR A 181 28.56 -1.43 -8.61
N LEU A 182 28.07 -0.27 -8.16
CA LEU A 182 28.40 0.27 -6.84
C LEU A 182 27.11 0.47 -6.06
N ASP A 183 26.87 -0.41 -5.08
CA ASP A 183 25.67 -0.36 -4.24
C ASP A 183 26.09 -0.12 -2.79
N LEU A 184 26.01 1.14 -2.37
CA LEU A 184 26.19 1.55 -0.98
C LEU A 184 24.86 1.97 -0.37
N SER A 185 23.78 1.28 -0.68
CA SER A 185 22.45 1.72 -0.29
C SER A 185 22.10 1.25 1.12
N TYR A 186 21.31 2.08 1.81
CA TYR A 186 20.74 1.75 3.11
C TYR A 186 21.82 1.53 4.17
N ASN A 187 22.63 2.57 4.38
CA ASN A 187 23.48 2.68 5.55
C ASN A 187 23.05 3.94 6.30
N ASN A 188 23.98 4.59 7.00
CA ASN A 188 23.74 5.91 7.57
C ASN A 188 24.75 6.92 7.00
N ILE A 189 25.15 6.72 5.74
CA ILE A 189 26.10 7.61 5.12
C ILE A 189 25.53 9.02 5.07
N THR A 190 26.32 9.99 5.52
CA THR A 190 25.93 11.39 5.54
C THR A 190 26.93 12.20 4.70
N GLY A 191 26.81 13.51 4.76
CA GLY A 191 27.70 14.40 4.06
C GLY A 191 27.31 14.58 2.60
N PRO A 192 28.02 15.45 1.90
CA PRO A 192 27.69 15.75 0.50
C PRO A 192 28.37 14.80 -0.48
N ILE A 193 27.92 14.89 -1.72
CA ILE A 193 28.54 14.18 -2.84
C ILE A 193 29.17 15.13 -3.85
N SER A 194 28.75 16.39 -3.90
CA SER A 194 29.31 17.35 -4.83
C SER A 194 30.77 17.69 -4.53
N GLY A 195 31.36 17.10 -3.50
CA GLY A 195 32.77 17.29 -3.24
C GLY A 195 33.64 16.25 -3.91
N LEU A 196 33.09 15.06 -4.14
CA LEU A 196 33.83 13.97 -4.76
C LEU A 196 34.17 14.30 -6.20
N THR A 197 35.46 14.31 -6.53
CA THR A 197 35.90 14.48 -7.90
C THR A 197 35.73 13.17 -8.66
N ILE A 198 35.04 13.21 -9.79
CA ILE A 198 34.78 12.03 -10.59
C ILE A 198 35.50 12.21 -11.92
N PRO A 199 36.72 11.65 -12.07
CA PRO A 199 37.43 11.82 -13.35
C PRO A 199 36.74 11.05 -14.46
N LEU A 200 36.62 11.70 -15.62
CA LEU A 200 36.00 11.07 -16.77
C LEU A 200 36.63 9.73 -17.09
N SER A 201 37.93 9.59 -16.84
CA SER A 201 38.70 8.40 -17.20
C SER A 201 38.64 7.28 -16.17
N SER A 202 37.91 7.47 -15.06
CA SER A 202 37.87 6.45 -14.02
C SER A 202 36.47 5.94 -13.71
N CYS A 203 35.43 6.52 -14.31
CA CYS A 203 34.05 6.09 -14.11
C CYS A 203 33.46 5.57 -15.42
N VAL A 204 34.30 4.91 -16.24
CA VAL A 204 33.89 4.52 -17.58
C VAL A 204 33.10 3.21 -17.62
N SER A 205 33.21 2.38 -16.60
CA SER A 205 32.48 1.12 -16.56
C SER A 205 31.22 1.22 -15.72
N MET A 206 31.03 2.30 -14.98
CA MET A 206 29.90 2.39 -14.06
C MET A 206 28.59 2.37 -14.84
N THR A 207 27.78 1.36 -14.59
CA THR A 207 26.44 1.30 -15.18
C THR A 207 25.34 1.32 -14.14
N TYR A 208 25.51 0.63 -13.02
CA TYR A 208 24.52 0.57 -11.95
C TYR A 208 25.08 1.25 -10.72
N LEU A 209 24.35 2.25 -10.22
CA LEU A 209 24.79 3.06 -9.08
C LEU A 209 23.62 3.28 -8.15
N ASP A 210 23.77 2.89 -6.88
CA ASP A 210 22.68 2.91 -5.93
C ASP A 210 23.20 3.45 -4.61
N PHE A 211 22.78 4.67 -4.25
CA PHE A 211 23.09 5.28 -2.97
C PHE A 211 21.83 5.52 -2.15
N SER A 212 20.73 4.84 -2.49
CA SER A 212 19.44 5.11 -1.87
C SER A 212 19.40 4.63 -0.42
N GLY A 213 18.56 5.26 0.37
CA GLY A 213 18.37 4.85 1.75
C GLY A 213 19.40 5.37 2.71
N ASN A 214 20.14 6.42 2.33
CA ASN A 214 21.11 7.05 3.20
C ASN A 214 20.62 8.44 3.60
N SER A 215 21.45 9.16 4.34
CA SER A 215 21.18 10.53 4.75
C SER A 215 22.13 11.51 4.05
N ILE A 216 22.40 11.27 2.76
CA ILE A 216 23.32 12.11 2.01
C ILE A 216 22.64 13.42 1.69
N SER A 217 23.40 14.51 1.81
CA SER A 217 22.87 15.86 1.74
C SER A 217 23.56 16.65 0.62
N GLY A 218 23.10 17.89 0.43
CA GLY A 218 23.70 18.78 -0.53
C GLY A 218 23.16 18.60 -1.94
N TYR A 219 23.52 19.55 -2.79
CA TYR A 219 23.07 19.53 -4.18
C TYR A 219 23.57 18.27 -4.88
N ILE A 220 22.77 17.79 -5.84
CA ILE A 220 23.20 16.68 -6.68
C ILE A 220 24.35 17.15 -7.55
N SER A 221 25.42 16.38 -7.57
CA SER A 221 26.63 16.77 -8.28
C SER A 221 26.39 16.81 -9.79
N ASP A 222 26.86 17.89 -10.42
CA ASP A 222 26.93 17.93 -11.87
C ASP A 222 27.96 16.97 -12.43
N SER A 223 28.81 16.39 -11.58
CA SER A 223 29.92 15.57 -12.06
C SER A 223 29.50 14.15 -12.44
N LEU A 224 28.36 13.67 -11.95
CA LEU A 224 27.87 12.37 -12.36
C LEU A 224 27.76 12.23 -13.87
N ILE A 225 27.69 13.36 -14.59
CA ILE A 225 27.77 13.33 -16.05
C ILE A 225 29.00 12.55 -16.50
N ASN A 226 30.08 12.62 -15.75
CA ASN A 226 31.33 11.96 -16.13
C ASN A 226 31.23 10.45 -16.13
N CYS A 227 30.24 9.88 -15.44
CA CYS A 227 29.96 8.44 -15.54
C CYS A 227 29.04 8.24 -16.74
N THR A 228 29.65 8.26 -17.93
CA THR A 228 28.87 8.43 -19.16
C THR A 228 28.02 7.22 -19.51
N ASN A 229 28.30 6.06 -18.93
CA ASN A 229 27.61 4.83 -19.28
C ASN A 229 26.56 4.44 -18.25
N LEU A 230 26.25 5.34 -17.31
CA LEU A 230 25.20 5.06 -16.34
C LEU A 230 23.94 4.59 -17.06
N LYS A 231 23.40 3.46 -16.62
CA LYS A 231 22.09 2.99 -17.02
C LYS A 231 21.06 3.06 -15.89
N SER A 232 21.50 2.90 -14.65
CA SER A 232 20.63 2.93 -13.49
C SER A 232 21.28 3.79 -12.43
N LEU A 233 20.61 4.85 -12.02
CA LEU A 233 21.06 5.77 -10.99
C LEU A 233 19.92 5.94 -10.00
N ASN A 234 20.13 5.50 -8.76
CA ASN A 234 19.11 5.55 -7.72
C ASN A 234 19.69 6.34 -6.55
N LEU A 235 19.08 7.49 -6.26
CA LEU A 235 19.43 8.33 -5.13
C LEU A 235 18.23 8.60 -4.23
N SER A 236 17.21 7.75 -4.30
CA SER A 236 15.99 7.93 -3.52
C SER A 236 16.28 7.78 -2.03
N TYR A 237 15.39 8.36 -1.22
CA TYR A 237 15.47 8.27 0.25
C TYR A 237 16.77 8.87 0.78
N ASN A 238 17.05 10.11 0.39
CA ASN A 238 18.19 10.85 0.90
C ASN A 238 17.73 12.27 1.20
N ASN A 239 18.68 13.14 1.55
CA ASN A 239 18.40 14.54 1.88
C ASN A 239 18.99 15.49 0.84
N PHE A 240 18.83 15.15 -0.43
CA PHE A 240 19.31 16.01 -1.50
C PHE A 240 18.41 17.22 -1.62
N ASP A 241 19.02 18.39 -1.81
CA ASP A 241 18.30 19.62 -2.09
C ASP A 241 18.79 20.18 -3.42
N GLY A 242 18.25 21.34 -3.79
CA GLY A 242 18.55 21.92 -5.07
C GLY A 242 17.78 21.22 -6.18
N GLN A 243 18.19 21.55 -7.41
CA GLN A 243 17.45 21.12 -8.59
C GLN A 243 18.07 19.88 -9.22
N ILE A 244 17.26 19.22 -10.05
CA ILE A 244 17.76 18.19 -10.96
C ILE A 244 18.71 18.91 -11.90
N PRO A 245 19.98 18.50 -11.99
CA PRO A 245 20.93 19.18 -12.86
C PRO A 245 20.55 19.04 -14.33
N LYS A 246 20.78 20.11 -15.10
CA LYS A 246 20.63 20.03 -16.54
C LYS A 246 21.62 19.03 -17.17
N SER A 247 22.75 18.79 -16.51
CA SER A 247 23.75 17.91 -17.09
C SER A 247 23.24 16.47 -17.21
N PHE A 248 22.28 16.07 -16.37
CA PHE A 248 21.76 14.71 -16.46
C PHE A 248 21.24 14.39 -17.86
N GLY A 249 20.88 15.40 -18.64
CA GLY A 249 20.51 15.16 -20.02
C GLY A 249 21.59 14.49 -20.84
N GLU A 250 22.83 14.55 -20.35
CA GLU A 250 23.96 13.97 -21.06
C GLU A 250 24.17 12.50 -20.73
N LEU A 251 23.41 11.92 -19.82
CA LEU A 251 23.46 10.48 -19.55
C LEU A 251 22.60 9.74 -20.58
N LYS A 252 23.08 9.80 -21.83
CA LYS A 252 22.29 9.29 -22.95
C LYS A 252 21.85 7.85 -22.74
N LEU A 253 22.67 7.03 -22.07
CA LEU A 253 22.36 5.62 -21.89
C LEU A 253 21.44 5.35 -20.69
N LEU A 254 21.01 6.38 -19.97
CA LEU A 254 20.27 6.17 -18.73
C LEU A 254 18.93 5.49 -18.99
N GLN A 255 18.72 4.34 -18.34
CA GLN A 255 17.44 3.65 -18.43
C GLN A 255 16.54 3.87 -17.24
N SER A 256 17.09 4.24 -16.09
CA SER A 256 16.36 4.22 -14.83
C SER A 256 16.94 5.31 -13.94
N LEU A 257 16.13 6.34 -13.66
CA LEU A 257 16.49 7.44 -12.79
C LEU A 257 15.47 7.46 -11.65
N ASP A 258 15.95 7.41 -10.41
CA ASP A 258 15.09 7.49 -9.25
C ASP A 258 15.69 8.53 -8.32
N LEU A 259 15.05 9.71 -8.26
CA LEU A 259 15.44 10.76 -7.32
C LEU A 259 14.39 10.95 -6.24
N SER A 260 13.52 9.96 -6.04
CA SER A 260 12.32 10.15 -5.24
C SER A 260 12.66 10.26 -3.76
N HIS A 261 11.74 10.83 -3.00
CA HIS A 261 11.87 10.99 -1.55
C HIS A 261 13.16 11.74 -1.20
N ASN A 262 13.23 12.99 -1.65
CA ASN A 262 14.32 13.89 -1.30
C ASN A 262 13.74 15.28 -1.01
N ARG A 263 14.52 16.33 -1.24
CA ARG A 263 14.03 17.70 -1.11
C ARG A 263 14.30 18.50 -2.38
N LEU A 264 14.28 17.86 -3.54
CA LEU A 264 14.59 18.56 -4.77
C LEU A 264 13.48 19.54 -5.11
N THR A 265 13.87 20.74 -5.54
CA THR A 265 12.92 21.79 -5.92
C THR A 265 13.17 22.24 -7.35
N GLY A 266 12.37 23.21 -7.79
CA GLY A 266 12.49 23.76 -9.11
C GLY A 266 11.66 23.03 -10.15
N TRP A 267 11.86 23.45 -11.39
CA TRP A 267 11.25 22.78 -12.52
C TRP A 267 12.07 21.57 -12.95
N ILE A 268 11.38 20.50 -13.31
CA ILE A 268 11.95 19.35 -14.00
C ILE A 268 12.58 19.88 -15.27
N PRO A 269 13.91 19.86 -15.41
CA PRO A 269 14.55 20.50 -16.56
C PRO A 269 14.16 19.79 -17.86
N PRO A 270 13.87 20.55 -18.91
CA PRO A 270 13.53 19.91 -20.20
C PRO A 270 14.67 19.07 -20.78
N GLU A 271 15.92 19.36 -20.40
CA GLU A 271 17.04 18.60 -20.92
C GLU A 271 16.92 17.11 -20.61
N ILE A 272 16.20 16.77 -19.53
CA ILE A 272 15.99 15.36 -19.20
C ILE A 272 15.48 14.59 -20.40
N GLY A 273 14.73 15.26 -21.28
CA GLY A 273 14.31 14.61 -22.52
C GLY A 273 15.45 14.12 -23.38
N ASP A 274 16.66 14.67 -23.20
CA ASP A 274 17.81 14.24 -23.99
C ASP A 274 18.30 12.85 -23.59
N THR A 275 17.70 12.20 -22.60
CA THR A 275 17.96 10.82 -22.26
C THR A 275 16.85 9.90 -22.72
N CYS A 276 15.91 10.40 -23.54
CA CYS A 276 14.71 9.65 -23.88
C CYS A 276 14.97 8.51 -24.85
N ARG A 277 16.17 8.42 -25.42
CA ARG A 277 16.52 7.31 -26.29
C ARG A 277 16.78 6.04 -25.50
N SER A 278 16.84 6.13 -24.18
CA SER A 278 17.02 4.95 -23.32
C SER A 278 16.11 4.91 -22.11
N LEU A 279 15.47 6.01 -21.71
CA LEU A 279 14.81 6.08 -20.41
C LEU A 279 13.60 5.15 -20.38
N GLN A 280 13.59 4.26 -19.38
CA GLN A 280 12.46 3.37 -19.15
C GLN A 280 11.75 3.59 -17.83
N ASN A 281 12.44 4.12 -16.81
CA ASN A 281 11.84 4.35 -15.51
C ASN A 281 12.28 5.71 -15.02
N LEU A 282 11.31 6.60 -14.77
CA LEU A 282 11.56 7.93 -14.23
C LEU A 282 10.75 8.08 -12.95
N ARG A 283 11.43 8.35 -11.83
CA ARG A 283 10.81 8.43 -10.52
C ARG A 283 11.30 9.71 -9.86
N LEU A 284 10.43 10.72 -9.78
CA LEU A 284 10.75 11.99 -9.14
C LEU A 284 9.79 12.32 -8.02
N SER A 285 9.08 11.33 -7.51
CA SER A 285 8.02 11.52 -6.55
C SER A 285 8.58 11.89 -5.18
N TYR A 286 7.71 12.52 -4.37
CA TYR A 286 8.01 12.91 -3.00
C TYR A 286 9.17 13.91 -2.93
N ASN A 287 9.11 14.91 -3.80
CA ASN A 287 9.98 16.08 -3.65
C ASN A 287 9.10 17.32 -3.54
N ASN A 288 9.60 18.49 -3.95
CA ASN A 288 8.82 19.72 -4.01
C ASN A 288 9.01 20.40 -5.35
N PHE A 289 8.83 19.64 -6.43
CA PHE A 289 9.00 20.17 -7.78
C PHE A 289 7.78 21.00 -8.16
N THR A 290 8.02 22.22 -8.62
CA THR A 290 7.00 23.07 -9.23
C THR A 290 7.21 23.10 -10.74
N GLY A 291 6.44 23.93 -11.42
CA GLY A 291 6.54 24.05 -12.86
C GLY A 291 5.75 22.98 -13.59
N VAL A 292 5.85 23.03 -14.91
CA VAL A 292 5.11 22.11 -15.78
C VAL A 292 5.93 20.85 -16.02
N ILE A 293 5.24 19.79 -16.41
CA ILE A 293 5.90 18.59 -16.94
C ILE A 293 6.53 18.94 -18.29
N PRO A 294 7.82 18.70 -18.49
CA PRO A 294 8.45 19.12 -19.75
C PRO A 294 7.84 18.39 -20.94
N GLU A 295 7.58 19.15 -22.00
CA GLU A 295 7.07 18.58 -23.23
C GLU A 295 8.12 17.71 -23.92
N SER A 296 9.40 17.89 -23.59
CA SER A 296 10.45 17.09 -24.22
C SER A 296 10.28 15.60 -23.93
N LEU A 297 9.57 15.22 -22.88
CA LEU A 297 9.28 13.82 -22.59
C LEU A 297 8.42 13.18 -23.64
N SER A 298 8.11 13.90 -24.73
CA SER A 298 7.40 13.29 -25.83
C SER A 298 8.28 12.37 -26.65
N SER A 299 9.60 12.47 -26.50
CA SER A 299 10.52 11.58 -27.20
C SER A 299 10.82 10.31 -26.41
N CYS A 300 10.32 10.18 -25.19
CA CYS A 300 10.56 9.00 -24.37
C CYS A 300 9.64 7.84 -24.77
N SER A 301 9.83 7.38 -26.00
CA SER A 301 8.98 6.31 -26.52
C SER A 301 9.20 4.97 -25.83
N TRP A 302 10.26 4.80 -25.04
CA TRP A 302 10.50 3.55 -24.34
C TRP A 302 10.11 3.64 -22.87
N LEU A 303 9.50 4.74 -22.44
CA LEU A 303 9.18 4.90 -21.02
C LEU A 303 8.18 3.83 -20.60
N GLN A 304 8.43 3.21 -19.45
CA GLN A 304 7.53 2.20 -18.90
C GLN A 304 6.91 2.61 -17.58
N SER A 305 7.60 3.44 -16.81
CA SER A 305 7.14 3.90 -15.51
C SER A 305 7.40 5.38 -15.43
N LEU A 306 6.40 6.14 -14.99
CA LEU A 306 6.51 7.59 -14.84
C LEU A 306 5.80 7.93 -13.53
N ASP A 307 6.58 8.34 -12.52
CA ASP A 307 6.05 8.66 -11.19
C ASP A 307 6.52 10.07 -10.85
N LEU A 308 5.63 11.04 -11.01
CA LEU A 308 5.87 12.41 -10.58
C LEU A 308 5.01 12.77 -9.36
N SER A 309 4.47 11.78 -8.68
CA SER A 309 3.45 12.04 -7.66
C SER A 309 4.02 12.74 -6.44
N ASN A 310 3.14 13.42 -5.71
CA ASN A 310 3.47 14.08 -4.45
C ASN A 310 4.55 15.16 -4.65
N ASN A 311 4.30 16.04 -5.61
CA ASN A 311 5.06 17.27 -5.75
C ASN A 311 4.05 18.42 -5.80
N ASN A 312 4.49 19.59 -6.26
CA ASN A 312 3.62 20.71 -6.56
C ASN A 312 3.70 21.08 -8.03
N ILE A 313 3.69 20.04 -8.88
CA ILE A 313 3.73 20.24 -10.32
C ILE A 313 2.39 20.78 -10.78
N SER A 314 2.43 21.74 -11.70
CA SER A 314 1.25 22.52 -12.03
C SER A 314 1.17 22.69 -13.54
N GLY A 315 0.43 23.71 -13.97
CA GLY A 315 0.45 24.15 -15.34
C GLY A 315 -0.24 23.19 -16.26
N PRO A 316 -0.50 23.64 -17.50
CA PRO A 316 -1.17 22.78 -18.48
C PRO A 316 -0.38 21.50 -18.70
N PHE A 317 -1.07 20.38 -18.57
CA PHE A 317 -0.48 19.08 -18.84
C PHE A 317 -0.25 18.96 -20.33
N PRO A 318 0.99 18.69 -20.80
CA PRO A 318 1.22 18.54 -22.24
C PRO A 318 0.66 17.24 -22.77
N ASN A 319 -0.52 17.31 -23.40
CA ASN A 319 -1.16 16.09 -23.89
C ASN A 319 -0.26 15.30 -24.83
N THR A 320 0.61 15.99 -25.58
CA THR A 320 1.33 15.33 -26.67
C THR A 320 2.35 14.30 -26.19
N ILE A 321 2.82 14.40 -24.94
CA ILE A 321 3.76 13.39 -24.47
C ILE A 321 3.08 12.02 -24.38
N LEU A 322 1.76 11.99 -24.22
CA LEU A 322 1.08 10.71 -24.05
C LEU A 322 1.00 9.92 -25.36
N ARG A 323 1.04 10.61 -26.50
CA ARG A 323 0.93 9.91 -27.77
C ARG A 323 2.16 9.08 -28.08
N SER A 324 3.27 9.34 -27.40
CA SER A 324 4.50 8.59 -27.59
C SER A 324 4.67 7.46 -26.60
N PHE A 325 3.80 7.39 -25.59
CA PHE A 325 3.95 6.43 -24.50
C PHE A 325 3.17 5.15 -24.80
N GLY A 326 3.50 4.55 -25.94
CA GLY A 326 2.92 3.27 -26.29
C GLY A 326 3.36 2.12 -25.40
N SER A 327 4.50 2.26 -24.74
CA SER A 327 5.02 1.21 -23.87
C SER A 327 4.84 1.53 -22.39
N LEU A 328 4.13 2.60 -22.08
CA LEU A 328 3.98 3.02 -20.68
C LEU A 328 3.02 2.08 -19.97
N GLN A 329 3.42 1.58 -18.81
CA GLN A 329 2.57 0.70 -18.02
C GLN A 329 2.04 1.35 -16.76
N ILE A 330 2.70 2.38 -16.24
CA ILE A 330 2.36 2.97 -14.95
C ILE A 330 2.51 4.48 -15.08
N LEU A 331 1.47 5.21 -14.69
CA LEU A 331 1.43 6.67 -14.80
C LEU A 331 0.95 7.19 -13.46
N LEU A 332 1.88 7.63 -12.61
CA LEU A 332 1.59 8.12 -11.28
C LEU A 332 1.85 9.62 -11.28
N LEU A 333 0.76 10.40 -11.18
CA LEU A 333 0.78 11.84 -11.11
C LEU A 333 0.06 12.38 -9.87
N SER A 334 -0.44 11.51 -9.00
CA SER A 334 -1.32 11.95 -7.94
C SER A 334 -0.67 13.01 -7.07
N ASN A 335 -1.52 13.76 -6.37
CA ASN A 335 -1.10 14.77 -5.38
C ASN A 335 -0.20 15.82 -5.99
N ASN A 336 -0.66 16.43 -7.07
CA ASN A 336 0.02 17.58 -7.66
C ASN A 336 -1.00 18.71 -7.84
N LEU A 337 -0.64 19.70 -8.67
CA LEU A 337 -1.50 20.84 -8.99
C LEU A 337 -1.74 20.92 -10.50
N ILE A 338 -1.75 19.78 -11.19
CA ILE A 338 -1.74 19.79 -12.65
C ILE A 338 -3.10 20.21 -13.16
N SER A 339 -3.14 21.27 -13.95
CA SER A 339 -4.38 21.83 -14.47
C SER A 339 -4.51 21.52 -15.97
N GLY A 340 -5.59 22.02 -16.55
CA GLY A 340 -5.92 21.77 -17.94
C GLY A 340 -6.95 20.66 -18.09
N ASP A 341 -7.54 20.59 -19.28
CA ASP A 341 -8.48 19.51 -19.56
C ASP A 341 -7.81 18.15 -19.31
N PHE A 342 -8.58 17.22 -18.76
CA PHE A 342 -8.12 15.85 -18.64
C PHE A 342 -7.60 15.37 -20.00
N PRO A 343 -6.42 14.77 -20.06
CA PRO A 343 -5.79 14.52 -21.38
C PRO A 343 -6.58 13.49 -22.18
N THR A 344 -6.93 13.88 -23.41
CA THR A 344 -7.62 12.97 -24.32
C THR A 344 -6.67 12.01 -25.04
N SER A 345 -5.38 12.34 -25.10
CA SER A 345 -4.38 11.49 -25.72
C SER A 345 -4.08 10.23 -24.91
N ILE A 346 -4.70 10.07 -23.74
CA ILE A 346 -4.52 8.87 -22.94
C ILE A 346 -4.96 7.62 -23.69
N SER A 347 -5.75 7.76 -24.75
CA SER A 347 -6.17 6.60 -25.53
C SER A 347 -4.99 5.98 -26.29
N ALA A 348 -3.91 6.73 -26.48
CA ALA A 348 -2.75 6.20 -27.17
C ALA A 348 -1.93 5.25 -26.29
N CYS A 349 -2.06 5.33 -24.97
CA CYS A 349 -1.30 4.51 -24.04
C CYS A 349 -1.91 3.11 -23.97
N LYS A 350 -1.62 2.32 -25.02
CA LYS A 350 -2.20 0.99 -25.16
C LYS A 350 -1.68 0.01 -24.13
N SER A 351 -0.58 0.32 -23.46
CA SER A 351 0.01 -0.56 -22.48
C SER A 351 -0.24 -0.09 -21.06
N LEU A 352 -0.90 1.04 -20.89
CA LEU A 352 -1.10 1.62 -19.57
C LEU A 352 -2.00 0.73 -18.74
N ARG A 353 -1.50 0.29 -17.59
CA ARG A 353 -2.30 -0.50 -16.64
C ARG A 353 -2.82 0.33 -15.48
N ILE A 354 -2.04 1.30 -15.00
CA ILE A 354 -2.41 2.13 -13.86
C ILE A 354 -2.26 3.58 -14.27
N ALA A 355 -3.34 4.34 -14.14
CA ALA A 355 -3.36 5.77 -14.40
C ALA A 355 -3.94 6.45 -13.16
N ASP A 356 -3.09 7.19 -12.45
CA ASP A 356 -3.41 7.78 -11.16
C ASP A 356 -3.27 9.28 -11.27
N PHE A 357 -4.41 9.99 -11.31
CA PHE A 357 -4.45 11.43 -11.37
C PHE A 357 -4.98 12.06 -10.09
N SER A 358 -5.17 11.26 -9.05
CA SER A 358 -5.78 11.72 -7.81
C SER A 358 -5.19 13.05 -7.36
N SER A 359 -6.09 13.95 -6.87
CA SER A 359 -5.70 15.23 -6.28
C SER A 359 -4.92 16.10 -7.25
N ASN A 360 -5.59 16.46 -8.35
CA ASN A 360 -5.05 17.40 -9.31
C ASN A 360 -6.15 18.36 -9.73
N ARG A 361 -5.78 19.36 -10.52
CA ARG A 361 -6.69 20.40 -10.97
C ARG A 361 -7.22 20.16 -12.38
N PHE A 362 -7.41 18.91 -12.76
CA PHE A 362 -7.84 18.60 -14.11
C PHE A 362 -9.28 19.05 -14.32
N SER A 363 -9.49 19.84 -15.36
CA SER A 363 -10.84 20.25 -15.76
C SER A 363 -11.30 19.34 -16.90
N GLY A 364 -12.23 19.83 -17.72
CA GLY A 364 -12.70 19.06 -18.84
C GLY A 364 -13.56 17.87 -18.41
N VAL A 365 -13.75 16.96 -19.36
CA VAL A 365 -14.56 15.78 -19.17
C VAL A 365 -13.67 14.55 -19.30
N ILE A 366 -14.22 13.39 -18.91
CA ILE A 366 -13.59 12.10 -19.14
C ILE A 366 -13.66 11.83 -20.64
N PRO A 367 -12.52 11.63 -21.32
CA PRO A 367 -12.55 11.48 -22.77
C PRO A 367 -13.40 10.28 -23.18
N PRO A 368 -14.35 10.49 -24.10
CA PRO A 368 -15.16 9.34 -24.56
C PRO A 368 -14.35 8.30 -25.32
N ASP A 369 -13.20 8.67 -25.89
CA ASP A 369 -12.36 7.75 -26.64
C ASP A 369 -11.27 7.12 -25.80
N LEU A 370 -11.29 7.31 -24.47
CA LEU A 370 -10.33 6.64 -23.61
C LEU A 370 -10.24 5.16 -23.94
N CYS A 371 -11.39 4.52 -24.15
CA CYS A 371 -11.48 3.11 -24.48
C CYS A 371 -12.05 2.94 -25.88
N PRO A 372 -11.65 1.89 -26.60
CA PRO A 372 -10.72 0.82 -26.21
C PRO A 372 -9.26 1.18 -26.45
N GLY A 373 -8.94 2.45 -26.65
CA GLY A 373 -7.56 2.87 -26.84
C GLY A 373 -6.64 2.35 -25.76
N ALA A 374 -6.90 2.74 -24.51
CA ALA A 374 -6.17 2.21 -23.36
C ALA A 374 -6.69 0.80 -23.07
N ALA A 375 -6.28 -0.13 -23.93
CA ALA A 375 -6.83 -1.47 -23.91
C ALA A 375 -6.41 -2.28 -22.69
N SER A 376 -5.31 -1.91 -22.03
CA SER A 376 -4.84 -2.65 -20.86
C SER A 376 -5.04 -1.87 -19.57
N LEU A 377 -5.93 -0.89 -19.58
CA LEU A 377 -6.20 -0.09 -18.38
C LEU A 377 -6.88 -0.94 -17.32
N GLU A 378 -6.29 -0.98 -16.13
CA GLU A 378 -6.78 -1.78 -15.02
C GLU A 378 -7.18 -0.95 -13.82
N GLU A 379 -6.60 0.23 -13.64
CA GLU A 379 -6.92 1.12 -12.53
C GLU A 379 -6.95 2.54 -13.07
N LEU A 380 -8.13 3.13 -13.12
CA LEU A 380 -8.31 4.52 -13.55
C LEU A 380 -8.69 5.32 -12.30
N ARG A 381 -7.82 6.23 -11.89
CA ARG A 381 -8.02 7.02 -10.69
C ARG A 381 -7.87 8.49 -11.03
N LEU A 382 -8.93 9.27 -10.79
CA LEU A 382 -8.84 10.73 -10.92
C LEU A 382 -9.73 11.43 -9.90
N PRO A 383 -9.79 10.95 -8.66
CA PRO A 383 -10.59 11.65 -7.65
C PRO A 383 -9.98 13.00 -7.32
N ASP A 384 -10.81 13.88 -6.78
CA ASP A 384 -10.38 15.20 -6.34
C ASP A 384 -9.79 15.99 -7.50
N ASN A 385 -10.62 16.20 -8.53
CA ASN A 385 -10.30 17.10 -9.63
C ASN A 385 -11.51 17.98 -9.92
N LEU A 386 -11.48 18.69 -11.05
CA LEU A 386 -12.59 19.55 -11.47
C LEU A 386 -13.26 18.99 -12.72
N VAL A 387 -13.34 17.66 -12.84
CA VAL A 387 -13.82 17.02 -14.06
C VAL A 387 -15.34 16.99 -14.04
N THR A 388 -15.95 17.44 -15.13
CA THR A 388 -17.40 17.48 -15.30
C THR A 388 -17.83 16.50 -16.38
N GLY A 389 -19.09 16.59 -16.78
CA GLY A 389 -19.62 15.75 -17.83
C GLY A 389 -20.13 14.42 -17.32
N GLU A 390 -20.60 13.60 -18.25
CA GLU A 390 -21.12 12.28 -17.92
C GLU A 390 -19.99 11.23 -18.00
N ILE A 391 -20.27 10.06 -17.44
CA ILE A 391 -19.41 8.89 -17.57
C ILE A 391 -19.60 8.34 -18.98
N PRO A 392 -18.59 8.40 -19.84
CA PRO A 392 -18.77 7.92 -21.22
C PRO A 392 -19.12 6.44 -21.22
N PRO A 393 -20.19 6.05 -21.93
CA PRO A 393 -20.50 4.62 -22.00
C PRO A 393 -19.38 3.79 -22.57
N ALA A 394 -18.51 4.39 -23.41
CA ALA A 394 -17.41 3.65 -24.00
C ALA A 394 -16.44 3.12 -22.95
N ILE A 395 -16.45 3.68 -21.74
CA ILE A 395 -15.58 3.19 -20.68
C ILE A 395 -15.81 1.71 -20.43
N SER A 396 -16.98 1.18 -20.82
CA SER A 396 -17.22 -0.25 -20.73
C SER A 396 -16.31 -1.04 -21.65
N GLN A 397 -15.68 -0.38 -22.62
CA GLN A 397 -14.82 -1.05 -23.58
C GLN A 397 -13.38 -1.20 -23.11
N CYS A 398 -13.02 -0.62 -21.97
CA CYS A 398 -11.77 -0.95 -21.29
C CYS A 398 -12.02 -2.25 -20.54
N SER A 399 -11.83 -3.36 -21.25
CA SER A 399 -12.24 -4.68 -20.76
C SER A 399 -11.51 -5.07 -19.49
N GLU A 400 -10.30 -4.56 -19.27
CA GLU A 400 -9.48 -5.00 -18.14
C GLU A 400 -9.65 -4.13 -16.90
N LEU A 401 -10.63 -3.23 -16.88
CA LEU A 401 -10.77 -2.31 -15.76
C LEU A 401 -11.10 -3.08 -14.48
N ARG A 402 -10.27 -2.88 -13.47
CA ARG A 402 -10.51 -3.43 -12.13
C ARG A 402 -11.00 -2.38 -11.14
N THR A 403 -10.42 -1.18 -11.18
CA THR A 403 -10.76 -0.13 -10.23
C THR A 403 -10.99 1.17 -10.96
N ILE A 404 -12.12 1.79 -10.68
CA ILE A 404 -12.48 3.12 -11.17
C ILE A 404 -12.74 3.98 -9.94
N ASP A 405 -12.06 5.12 -9.86
CA ASP A 405 -12.27 6.09 -8.80
C ASP A 405 -12.45 7.45 -9.46
N LEU A 406 -13.66 8.02 -9.32
CA LEU A 406 -14.02 9.30 -9.88
C LEU A 406 -14.54 10.26 -8.81
N SER A 407 -14.31 9.95 -7.54
CA SER A 407 -14.89 10.71 -6.45
C SER A 407 -14.48 12.18 -6.48
N LEU A 408 -15.23 12.99 -5.73
CA LEU A 408 -14.85 14.38 -5.50
C LEU A 408 -14.54 15.09 -6.82
N ASN A 409 -15.39 14.84 -7.80
CA ASN A 409 -15.37 15.62 -9.03
C ASN A 409 -16.74 16.29 -9.20
N TYR A 410 -17.05 16.76 -10.40
CA TYR A 410 -18.31 17.43 -10.70
C TYR A 410 -18.99 16.75 -11.88
N LEU A 411 -19.16 15.43 -11.80
CA LEU A 411 -19.77 14.69 -12.89
C LEU A 411 -21.29 14.74 -12.78
N ASN A 412 -21.96 14.70 -13.92
CA ASN A 412 -23.41 14.64 -13.97
C ASN A 412 -23.81 13.42 -14.80
N GLY A 413 -25.05 13.42 -15.30
CA GLY A 413 -25.55 12.32 -16.10
C GLY A 413 -25.98 11.17 -15.23
N THR A 414 -26.17 10.02 -15.88
CA THR A 414 -26.55 8.78 -15.22
C THR A 414 -25.50 7.71 -15.47
N ILE A 415 -25.33 6.82 -14.50
CA ILE A 415 -24.43 5.67 -14.62
C ILE A 415 -24.82 4.90 -15.87
N PRO A 416 -23.99 4.86 -16.90
CA PRO A 416 -24.40 4.21 -18.16
C PRO A 416 -24.69 2.73 -17.93
N PRO A 417 -25.74 2.19 -18.56
CA PRO A 417 -26.02 0.76 -18.37
C PRO A 417 -24.89 -0.13 -18.88
N GLU A 418 -24.03 0.37 -19.77
CA GLU A 418 -22.93 -0.40 -20.30
C GLU A 418 -21.86 -0.71 -19.25
N ILE A 419 -21.93 -0.11 -18.07
CA ILE A 419 -20.93 -0.34 -17.04
C ILE A 419 -20.91 -1.80 -16.60
N GLY A 420 -22.02 -2.51 -16.77
CA GLY A 420 -22.09 -3.90 -16.39
C GLY A 420 -21.31 -4.85 -17.27
N ASN A 421 -20.62 -4.35 -18.28
CA ASN A 421 -19.79 -5.18 -19.14
C ASN A 421 -18.35 -5.33 -18.64
N LEU A 422 -17.96 -4.53 -17.63
CA LEU A 422 -16.63 -4.63 -17.02
C LEU A 422 -16.63 -5.83 -16.08
N GLN A 423 -16.40 -7.00 -16.67
CA GLN A 423 -16.46 -8.25 -15.92
C GLN A 423 -15.39 -8.34 -14.84
N LYS A 424 -14.28 -7.62 -14.99
CA LYS A 424 -13.19 -7.67 -14.02
C LYS A 424 -13.22 -6.50 -13.05
N LEU A 425 -14.35 -5.77 -12.97
CA LEU A 425 -14.44 -4.59 -12.13
C LEU A 425 -14.69 -4.99 -10.69
N GLU A 426 -13.85 -4.48 -9.79
CA GLU A 426 -13.96 -4.74 -8.37
C GLU A 426 -14.24 -3.50 -7.52
N GLN A 427 -14.05 -2.30 -8.07
CA GLN A 427 -14.32 -1.07 -7.34
C GLN A 427 -14.92 -0.05 -8.30
N PHE A 428 -16.11 0.44 -7.95
CA PHE A 428 -16.69 1.61 -8.60
C PHE A 428 -16.89 2.66 -7.52
N ILE A 429 -16.05 3.67 -7.53
CA ILE A 429 -15.96 4.68 -6.47
C ILE A 429 -16.19 6.02 -7.14
N ALA A 430 -17.24 6.72 -6.72
CA ALA A 430 -17.61 7.97 -7.36
C ALA A 430 -18.46 8.82 -6.43
N TRP A 431 -18.05 8.91 -5.17
CA TRP A 431 -18.84 9.67 -4.20
C TRP A 431 -18.53 11.15 -4.29
N TYR A 432 -19.51 11.97 -3.90
CA TYR A 432 -19.42 13.42 -4.04
C TYR A 432 -19.25 13.79 -5.51
N ASN A 433 -20.23 13.40 -6.30
CA ASN A 433 -20.46 13.96 -7.63
C ASN A 433 -21.91 14.38 -7.71
N ASN A 434 -22.37 14.75 -8.90
CA ASN A 434 -23.77 15.08 -9.15
C ASN A 434 -24.42 14.03 -10.05
N ILE A 435 -24.09 12.76 -9.84
CA ILE A 435 -24.67 11.70 -10.64
C ILE A 435 -26.14 11.52 -10.25
N ALA A 436 -27.00 11.38 -11.25
CA ALA A 436 -28.43 11.25 -11.04
C ALA A 436 -28.92 9.93 -11.67
N GLY A 437 -30.24 9.82 -11.82
CA GLY A 437 -30.83 8.63 -12.40
C GLY A 437 -30.95 7.50 -11.41
N GLU A 438 -31.48 6.38 -11.90
CA GLU A 438 -31.57 5.16 -11.11
C GLU A 438 -30.29 4.34 -11.22
N ILE A 439 -30.08 3.48 -10.24
CA ILE A 439 -29.00 2.50 -10.25
C ILE A 439 -29.32 1.50 -11.35
N PRO A 440 -28.53 1.43 -12.42
CA PRO A 440 -28.89 0.53 -13.54
C PRO A 440 -28.89 -0.92 -13.08
N PRO A 441 -29.92 -1.68 -13.44
CA PRO A 441 -29.95 -3.10 -13.03
C PRO A 441 -28.82 -3.92 -13.66
N GLU A 442 -28.15 -3.41 -14.68
CA GLU A 442 -27.02 -4.12 -15.28
C GLU A 442 -25.87 -4.30 -14.30
N ILE A 443 -25.90 -3.63 -13.15
CA ILE A 443 -24.85 -3.77 -12.16
C ILE A 443 -24.81 -5.19 -11.61
N GLY A 444 -25.94 -5.88 -11.62
CA GLY A 444 -25.96 -7.26 -11.17
C GLY A 444 -25.07 -8.17 -11.98
N LYS A 445 -24.64 -7.73 -13.16
CA LYS A 445 -23.73 -8.51 -13.99
C LYS A 445 -22.27 -8.43 -13.53
N LEU A 446 -21.98 -7.61 -12.53
CA LEU A 446 -20.60 -7.47 -12.02
C LEU A 446 -20.42 -8.51 -10.92
N GLN A 447 -19.96 -9.70 -11.32
CA GLN A 447 -19.74 -10.79 -10.37
C GLN A 447 -18.52 -10.56 -9.49
N ASN A 448 -17.61 -9.67 -9.90
CA ASN A 448 -16.40 -9.39 -9.14
C ASN A 448 -16.49 -8.09 -8.34
N LEU A 449 -17.61 -7.40 -8.40
CA LEU A 449 -17.75 -6.14 -7.69
C LEU A 449 -17.63 -6.34 -6.19
N LYS A 450 -16.72 -5.59 -5.57
CA LYS A 450 -16.47 -5.68 -4.12
C LYS A 450 -16.78 -4.40 -3.37
N ASP A 451 -16.57 -3.24 -3.99
CA ASP A 451 -16.82 -1.95 -3.35
C ASP A 451 -17.59 -1.09 -4.32
N LEU A 452 -18.82 -0.71 -3.93
CA LEU A 452 -19.67 0.20 -4.69
C LEU A 452 -19.92 1.40 -3.79
N ILE A 453 -19.17 2.48 -4.02
CA ILE A 453 -19.19 3.67 -3.17
C ILE A 453 -19.72 4.82 -4.01
N LEU A 454 -20.96 5.26 -3.71
CA LEU A 454 -21.65 6.28 -4.49
C LEU A 454 -22.28 7.35 -3.59
N ASN A 455 -21.93 7.40 -2.32
CA ASN A 455 -22.55 8.32 -1.39
C ASN A 455 -22.42 9.76 -1.88
N ASN A 456 -23.32 10.61 -1.39
CA ASN A 456 -23.35 12.04 -1.70
C ASN A 456 -23.50 12.27 -3.21
N ASN A 457 -24.44 11.56 -3.80
CA ASN A 457 -24.87 11.86 -5.16
C ASN A 457 -26.38 12.12 -5.15
N GLN A 458 -26.96 12.19 -6.36
CA GLN A 458 -28.38 12.45 -6.54
C GLN A 458 -29.06 11.26 -7.21
N LEU A 459 -28.72 10.06 -6.79
CA LEU A 459 -29.35 8.85 -7.31
C LEU A 459 -30.75 8.73 -6.75
N THR A 460 -31.73 8.50 -7.63
CA THR A 460 -33.12 8.35 -7.25
C THR A 460 -33.57 6.92 -7.57
N GLY A 461 -34.75 6.58 -7.08
CA GLY A 461 -35.36 5.30 -7.38
C GLY A 461 -35.21 4.30 -6.25
N GLU A 462 -35.51 3.05 -6.59
CA GLU A 462 -35.34 1.91 -5.69
C GLU A 462 -34.09 1.13 -6.09
N ILE A 463 -33.46 0.49 -5.10
CA ILE A 463 -32.33 -0.39 -5.35
C ILE A 463 -32.83 -1.51 -6.27
N PRO A 464 -32.31 -1.61 -7.50
CA PRO A 464 -32.87 -2.58 -8.43
C PRO A 464 -32.73 -4.00 -7.90
N PRO A 465 -33.68 -4.88 -8.22
CA PRO A 465 -33.57 -6.26 -7.73
C PRO A 465 -32.34 -6.99 -8.26
N GLU A 466 -31.95 -6.71 -9.50
CA GLU A 466 -30.81 -7.41 -10.10
C GLU A 466 -29.49 -7.05 -9.43
N PHE A 467 -29.44 -5.93 -8.70
CA PHE A 467 -28.22 -5.54 -8.01
C PHE A 467 -27.71 -6.65 -7.09
N PHE A 468 -28.60 -7.49 -6.59
CA PHE A 468 -28.23 -8.47 -5.59
C PHE A 468 -27.66 -9.76 -6.17
N ASN A 469 -27.39 -9.80 -7.48
CA ASN A 469 -26.57 -10.87 -8.02
C ASN A 469 -25.07 -10.57 -7.89
N CYS A 470 -24.71 -9.42 -7.30
CA CYS A 470 -23.34 -9.11 -6.92
C CYS A 470 -23.03 -9.81 -5.60
N SER A 471 -22.88 -11.13 -5.69
CA SER A 471 -22.73 -11.96 -4.49
C SER A 471 -21.41 -11.72 -3.78
N ASN A 472 -20.42 -11.12 -4.44
CA ASN A 472 -19.10 -10.86 -3.85
C ASN A 472 -18.97 -9.45 -3.29
N ILE A 473 -20.05 -8.67 -3.26
CA ILE A 473 -19.97 -7.29 -2.79
C ILE A 473 -19.63 -7.26 -1.31
N GLU A 474 -18.72 -6.35 -0.93
CA GLU A 474 -18.24 -6.24 0.43
C GLU A 474 -18.51 -4.89 1.07
N TRP A 475 -18.63 -3.82 0.29
CA TRP A 475 -18.84 -2.48 0.80
C TRP A 475 -19.83 -1.77 -0.11
N VAL A 476 -21.00 -1.43 0.44
CA VAL A 476 -22.05 -0.69 -0.27
C VAL A 476 -22.24 0.64 0.44
N SER A 477 -22.13 1.74 -0.32
CA SER A 477 -22.28 3.08 0.23
C SER A 477 -23.21 3.89 -0.67
N PHE A 478 -24.46 4.09 -0.21
CA PHE A 478 -25.43 4.92 -0.91
C PHE A 478 -25.80 6.16 -0.11
N THR A 479 -25.02 6.50 0.91
CA THR A 479 -25.42 7.58 1.81
C THR A 479 -25.70 8.87 1.06
N SER A 480 -26.69 9.61 1.54
CA SER A 480 -27.02 10.93 1.01
C SER A 480 -27.29 10.89 -0.50
N ASN A 481 -28.19 10.00 -0.89
CA ASN A 481 -28.86 10.05 -2.19
C ASN A 481 -30.36 10.21 -1.95
N ARG A 482 -31.12 10.21 -3.05
CA ARG A 482 -32.57 10.31 -3.01
C ARG A 482 -33.24 8.97 -3.26
N LEU A 483 -32.66 7.89 -2.74
CA LEU A 483 -33.24 6.57 -2.94
C LEU A 483 -34.58 6.46 -2.19
N THR A 484 -35.55 5.82 -2.83
CA THR A 484 -36.85 5.55 -2.22
C THR A 484 -37.08 4.04 -2.23
N GLY A 485 -38.33 3.66 -1.96
CA GLY A 485 -38.61 2.25 -1.72
C GLY A 485 -38.19 1.84 -0.33
N GLU A 486 -38.09 0.53 -0.12
CA GLU A 486 -37.70 -0.02 1.17
C GLU A 486 -36.40 -0.79 1.02
N VAL A 487 -35.71 -0.96 2.14
CA VAL A 487 -34.46 -1.73 2.20
C VAL A 487 -34.79 -3.15 1.74
N PRO A 488 -34.32 -3.59 0.57
CA PRO A 488 -34.72 -4.92 0.08
C PRO A 488 -34.28 -6.02 1.03
N LYS A 489 -35.12 -7.05 1.16
CA LYS A 489 -34.78 -8.18 2.00
C LYS A 489 -33.60 -8.96 1.45
N ASP A 490 -33.35 -8.85 0.15
CA ASP A 490 -32.23 -9.54 -0.50
C ASP A 490 -30.86 -8.99 -0.11
N PHE A 491 -30.74 -8.08 0.86
CA PHE A 491 -29.43 -7.76 1.41
C PHE A 491 -28.91 -8.88 2.30
N GLY A 492 -29.75 -9.87 2.63
CA GLY A 492 -29.30 -10.98 3.45
C GLY A 492 -28.59 -12.08 2.69
N ILE A 493 -28.84 -12.20 1.39
CA ILE A 493 -28.16 -13.22 0.60
C ILE A 493 -26.73 -12.84 0.26
N LEU A 494 -26.31 -11.61 0.58
CA LEU A 494 -24.95 -11.15 0.33
C LEU A 494 -24.08 -11.55 1.52
N SER A 495 -23.39 -12.69 1.38
CA SER A 495 -22.65 -13.28 2.50
C SER A 495 -21.32 -12.60 2.76
N ARG A 496 -20.88 -11.69 1.90
CA ARG A 496 -19.62 -10.99 2.09
C ARG A 496 -19.80 -9.52 2.42
N LEU A 497 -21.02 -9.04 2.54
CA LEU A 497 -21.27 -7.63 2.86
C LEU A 497 -20.79 -7.32 4.29
N ALA A 498 -19.87 -6.37 4.40
CA ALA A 498 -19.30 -5.98 5.68
C ALA A 498 -19.74 -4.60 6.15
N VAL A 499 -19.93 -3.66 5.24
CA VAL A 499 -20.37 -2.31 5.57
C VAL A 499 -21.52 -1.96 4.65
N LEU A 500 -22.63 -1.53 5.22
CA LEU A 500 -23.81 -1.11 4.47
C LEU A 500 -24.19 0.30 4.93
N GLN A 501 -24.10 1.26 4.01
CA GLN A 501 -24.37 2.67 4.30
C GLN A 501 -25.51 3.16 3.41
N LEU A 502 -26.71 3.28 4.00
CA LEU A 502 -27.90 3.76 3.30
C LEU A 502 -28.46 5.02 3.95
N GLY A 503 -27.66 5.74 4.73
CA GLY A 503 -28.18 6.85 5.50
C GLY A 503 -28.57 8.03 4.63
N ASN A 504 -29.51 8.82 5.16
CA ASN A 504 -29.98 10.05 4.53
C ASN A 504 -30.47 9.82 3.10
N ASN A 505 -31.43 8.91 2.98
CA ASN A 505 -32.22 8.74 1.76
C ASN A 505 -33.69 8.93 2.12
N ASN A 506 -34.58 8.57 1.19
CA ASN A 506 -36.02 8.56 1.44
C ASN A 506 -36.53 7.11 1.48
N PHE A 507 -35.80 6.24 2.16
CA PHE A 507 -36.25 4.87 2.35
C PHE A 507 -37.41 4.82 3.33
N THR A 508 -38.38 3.97 3.02
CA THR A 508 -39.59 3.82 3.82
C THR A 508 -39.74 2.37 4.25
N GLY A 509 -40.75 2.10 5.05
CA GLY A 509 -41.07 0.74 5.46
C GLY A 509 -40.35 0.32 6.73
N GLU A 510 -40.27 -1.00 6.90
CA GLU A 510 -39.70 -1.60 8.10
C GLU A 510 -38.32 -2.17 7.79
N ILE A 511 -37.50 -2.27 8.84
CA ILE A 511 -36.16 -2.83 8.73
C ILE A 511 -36.31 -4.31 8.42
N PRO A 512 -35.85 -4.80 7.26
CA PRO A 512 -35.98 -6.23 6.97
C PRO A 512 -35.16 -7.05 7.94
N PRO A 513 -35.78 -7.95 8.70
CA PRO A 513 -35.01 -8.79 9.62
C PRO A 513 -34.03 -9.72 8.92
N GLU A 514 -34.11 -9.83 7.59
CA GLU A 514 -33.14 -10.61 6.83
C GLU A 514 -31.72 -10.09 7.02
N LEU A 515 -31.57 -8.81 7.38
CA LEU A 515 -30.25 -8.26 7.67
C LEU A 515 -29.53 -9.06 8.75
N GLY A 516 -30.28 -9.73 9.63
CA GLY A 516 -29.67 -10.59 10.62
C GLY A 516 -29.11 -11.89 10.09
N LYS A 517 -29.28 -12.16 8.78
CA LYS A 517 -28.71 -13.33 8.16
C LYS A 517 -27.31 -13.08 7.61
N CYS A 518 -26.93 -11.81 7.41
CA CYS A 518 -25.61 -11.47 6.92
C CYS A 518 -24.55 -11.95 7.90
N THR A 519 -23.76 -12.94 7.48
CA THR A 519 -22.77 -13.55 8.35
C THR A 519 -21.50 -12.72 8.52
N THR A 520 -21.39 -11.58 7.84
CA THR A 520 -20.19 -10.75 7.95
C THR A 520 -20.49 -9.27 8.10
N LEU A 521 -21.75 -8.85 8.19
CA LEU A 521 -22.07 -7.44 8.30
C LEU A 521 -21.66 -6.93 9.69
N VAL A 522 -20.83 -5.89 9.72
CA VAL A 522 -20.32 -5.32 10.97
C VAL A 522 -20.56 -3.83 11.06
N TRP A 523 -21.18 -3.21 10.06
CA TRP A 523 -21.41 -1.76 10.04
C TRP A 523 -22.71 -1.53 9.28
N LEU A 524 -23.72 -1.02 10.00
CA LEU A 524 -25.06 -0.80 9.43
C LEU A 524 -25.45 0.64 9.68
N ASP A 525 -25.71 1.38 8.61
CA ASP A 525 -26.07 2.79 8.69
C ASP A 525 -27.38 3.02 7.94
N LEU A 526 -28.47 3.20 8.68
CA LEU A 526 -29.78 3.47 8.10
C LEU A 526 -30.37 4.77 8.63
N ASN A 527 -29.53 5.69 9.10
CA ASN A 527 -30.02 6.89 9.76
C ASN A 527 -30.65 7.86 8.75
N THR A 528 -31.61 8.65 9.25
CA THR A 528 -32.24 9.73 8.49
C THR A 528 -32.98 9.19 7.27
N ASN A 529 -33.85 8.22 7.50
CA ASN A 529 -34.83 7.75 6.54
C ASN A 529 -36.20 7.78 7.19
N HIS A 530 -37.22 7.37 6.44
CA HIS A 530 -38.60 7.30 6.92
C HIS A 530 -38.99 5.86 7.25
N LEU A 531 -38.13 5.18 8.01
CA LEU A 531 -38.35 3.78 8.38
C LEU A 531 -39.21 3.70 9.63
N THR A 532 -40.15 2.77 9.63
CA THR A 532 -41.11 2.58 10.71
C THR A 532 -41.01 1.17 11.24
N GLY A 533 -41.86 0.86 12.21
CA GLY A 533 -41.91 -0.47 12.80
C GLY A 533 -40.99 -0.61 14.00
N GLU A 534 -40.68 -1.86 14.33
CA GLU A 534 -39.82 -2.19 15.44
C GLU A 534 -38.38 -2.37 14.97
N ILE A 535 -37.50 -2.65 15.92
CA ILE A 535 -36.10 -2.95 15.66
C ILE A 535 -35.95 -4.47 15.67
N PRO A 536 -35.51 -5.10 14.59
CA PRO A 536 -35.34 -6.56 14.58
C PRO A 536 -34.43 -6.99 15.71
N PRO A 537 -34.70 -8.15 16.33
CA PRO A 537 -33.86 -8.57 17.46
C PRO A 537 -32.40 -8.81 17.08
N ARG A 538 -32.18 -9.54 15.99
CA ARG A 538 -30.84 -9.92 15.56
C ARG A 538 -30.53 -9.30 14.20
N LEU A 539 -29.45 -8.53 14.13
CA LEU A 539 -29.05 -7.86 12.89
C LEU A 539 -27.55 -7.98 12.70
N GLY A 540 -27.13 -8.21 11.46
CA GLY A 540 -25.73 -8.33 11.14
C GLY A 540 -25.13 -9.65 11.59
N ARG A 541 -23.80 -9.70 11.55
CA ARG A 541 -23.09 -10.89 11.99
C ARG A 541 -23.48 -11.23 13.42
N GLN A 542 -23.87 -12.46 13.62
CA GLN A 542 -24.26 -12.91 14.95
C GLN A 542 -23.13 -13.69 15.61
N PRO A 543 -23.08 -13.70 16.96
CA PRO A 543 -22.07 -14.52 17.64
C PRO A 543 -21.94 -15.89 17.00
N GLY A 544 -20.71 -16.31 16.73
CA GLY A 544 -20.48 -17.49 15.93
C GLY A 544 -20.41 -17.13 14.46
N SER A 545 -20.83 -18.05 13.59
CA SER A 545 -20.84 -17.78 12.15
C SER A 545 -19.44 -17.53 11.61
N LYS A 546 -19.29 -17.58 10.30
CA LYS A 546 -18.00 -17.29 9.67
C LYS A 546 -18.24 -16.92 8.21
N ALA A 547 -17.27 -16.23 7.62
CA ALA A 547 -17.38 -15.80 6.24
C ALA A 547 -17.51 -16.98 5.29
N LEU A 548 -17.06 -18.17 5.70
CA LEU A 548 -17.12 -19.34 4.83
C LEU A 548 -18.54 -19.59 4.36
N SER A 549 -18.69 -19.84 3.06
CA SER A 549 -20.00 -20.07 2.45
C SER A 549 -20.17 -21.49 1.94
N GLY A 550 -19.22 -22.39 2.23
CA GLY A 550 -19.29 -23.76 1.82
C GLY A 550 -19.50 -24.71 2.99
N LEU A 551 -19.15 -25.97 2.77
CA LEU A 551 -19.33 -26.99 3.80
C LEU A 551 -18.81 -26.55 5.16
N LEU A 552 -17.73 -25.78 5.18
CA LEU A 552 -17.11 -25.39 6.44
C LEU A 552 -17.98 -24.46 7.27
N SER A 553 -19.10 -23.97 6.72
CA SER A 553 -20.02 -23.15 7.49
C SER A 553 -21.07 -24.00 8.20
N GLY A 554 -21.41 -25.16 7.66
CA GLY A 554 -22.35 -26.05 8.32
C GLY A 554 -21.71 -26.88 9.40
N ASN A 555 -22.14 -28.14 9.53
CA ASN A 555 -21.54 -29.02 10.52
C ASN A 555 -21.49 -30.47 10.03
N THR A 556 -21.58 -30.70 8.71
CA THR A 556 -21.44 -32.05 8.18
C THR A 556 -20.03 -32.59 8.35
N MET A 557 -19.04 -31.72 8.49
CA MET A 557 -17.67 -32.15 8.72
C MET A 557 -17.55 -32.90 10.04
N ALA A 558 -16.49 -33.70 10.15
CA ALA A 558 -16.26 -34.54 11.31
C ALA A 558 -14.76 -34.62 11.58
N PHE A 559 -14.41 -34.80 12.85
CA PHE A 559 -13.04 -34.98 13.28
C PHE A 559 -12.78 -36.46 13.53
N VAL A 560 -11.68 -36.96 12.95
CA VAL A 560 -11.36 -38.39 13.03
C VAL A 560 -9.93 -38.57 13.52
N ARG A 561 -9.71 -38.42 14.82
CA ARG A 561 -8.40 -38.60 15.41
C ARG A 561 -8.13 -40.07 15.70
N VAL A 570 -5.04 -40.32 7.42
CA VAL A 570 -5.82 -40.13 6.21
C VAL A 570 -7.02 -39.21 6.45
N GLY A 571 -6.76 -38.04 7.03
CA GLY A 571 -7.80 -37.06 7.25
C GLY A 571 -7.51 -36.10 8.39
N GLY A 572 -8.24 -36.27 9.49
CA GLY A 572 -8.22 -35.32 10.59
C GLY A 572 -9.49 -34.49 10.61
N LEU A 573 -9.94 -34.07 9.42
CA LEU A 573 -11.18 -33.32 9.25
C LEU A 573 -11.80 -33.78 7.95
N VAL A 574 -12.91 -34.49 8.03
CA VAL A 574 -13.52 -35.13 6.88
C VAL A 574 -14.96 -34.65 6.72
N GLU A 575 -15.45 -34.71 5.49
CA GLU A 575 -16.83 -34.35 5.15
C GLU A 575 -17.64 -35.65 5.06
N PHE A 576 -18.23 -36.03 6.17
CA PHE A 576 -19.01 -37.26 6.25
C PHE A 576 -20.49 -37.05 5.96
N SER A 577 -20.90 -35.82 5.62
CA SER A 577 -22.32 -35.53 5.40
C SER A 577 -23.12 -35.96 6.63
N GLY A 578 -24.26 -36.59 6.41
CA GLY A 578 -25.04 -37.13 7.51
C GLY A 578 -24.87 -38.62 7.64
N LEU A 604 -11.92 -25.22 12.61
CA LEU A 604 -12.79 -24.46 13.51
C LEU A 604 -12.47 -22.97 13.39
N SER A 605 -12.93 -22.17 14.34
CA SER A 605 -12.83 -20.72 14.21
C SER A 605 -12.88 -20.00 15.54
N LEU A 606 -11.83 -20.17 16.36
CA LEU A 606 -11.73 -19.44 17.62
C LEU A 606 -11.67 -17.94 17.36
N PHE A 607 -11.97 -17.15 18.40
CA PHE A 607 -11.91 -15.70 18.32
C PHE A 607 -12.93 -15.14 17.34
N THR A 608 -12.87 -15.57 16.07
CA THR A 608 -13.81 -15.07 15.08
C THR A 608 -15.26 -15.39 15.45
N ARG A 609 -15.49 -16.44 16.26
CA ARG A 609 -16.83 -16.78 16.70
C ARG A 609 -17.35 -15.83 17.78
N TYR A 610 -16.54 -14.87 18.22
CA TYR A 610 -16.99 -13.81 19.11
C TYR A 610 -17.22 -12.49 18.37
N GLN A 611 -17.09 -12.49 17.05
CA GLN A 611 -17.29 -11.28 16.26
C GLN A 611 -18.76 -11.08 15.96
N THR A 612 -19.15 -9.81 15.84
CA THR A 612 -20.53 -9.42 15.62
C THR A 612 -20.56 -7.97 15.15
N ILE A 613 -21.75 -7.40 15.04
CA ILE A 613 -21.87 -6.00 14.67
C ILE A 613 -20.99 -5.17 15.59
N GLU A 614 -20.37 -4.14 15.02
CA GLU A 614 -19.55 -3.20 15.79
C GLU A 614 -20.04 -1.76 15.70
N TYR A 615 -20.88 -1.43 14.72
CA TYR A 615 -21.35 -0.07 14.52
C TYR A 615 -22.79 -0.16 14.01
N LEU A 616 -23.73 0.37 14.78
CA LEU A 616 -25.15 0.34 14.43
C LEU A 616 -25.72 1.75 14.62
N ASP A 617 -25.94 2.45 13.52
CA ASP A 617 -26.56 3.78 13.53
C ASP A 617 -27.96 3.65 12.95
N LEU A 618 -28.98 3.90 13.78
CA LEU A 618 -30.38 3.83 13.39
C LEU A 618 -31.12 5.11 13.71
N SER A 619 -30.41 6.21 13.97
CA SER A 619 -31.02 7.41 14.48
C SER A 619 -31.83 8.14 13.41
N TYR A 620 -32.70 9.04 13.87
CA TYR A 620 -33.44 9.97 13.01
C TYR A 620 -34.38 9.23 12.05
N ASN A 621 -35.10 8.24 12.58
CA ASN A 621 -36.12 7.55 11.82
C ASN A 621 -37.45 7.61 12.59
N GLN A 622 -38.39 6.75 12.26
CA GLN A 622 -39.68 6.69 12.93
C GLN A 622 -39.92 5.30 13.48
N LEU A 623 -38.94 4.76 14.21
CA LEU A 623 -39.05 3.41 14.74
C LEU A 623 -39.78 3.42 16.08
N ARG A 624 -40.51 2.34 16.34
CA ARG A 624 -41.31 2.18 17.55
C ARG A 624 -40.90 0.90 18.24
N GLY A 625 -41.59 0.58 19.34
CA GLY A 625 -41.30 -0.61 20.11
C GLY A 625 -40.21 -0.41 21.12
N LYS A 626 -39.86 -1.51 21.79
CA LYS A 626 -38.81 -1.49 22.80
C LYS A 626 -37.45 -1.81 22.18
N ILE A 627 -36.40 -1.50 22.93
CA ILE A 627 -35.04 -1.91 22.58
C ILE A 627 -34.90 -3.38 22.96
N PRO A 628 -34.71 -4.30 22.02
CA PRO A 628 -34.57 -5.71 22.39
C PRO A 628 -33.40 -5.92 23.34
N ASP A 629 -33.45 -7.03 24.08
CA ASP A 629 -32.36 -7.45 24.94
C ASP A 629 -31.41 -8.41 24.25
N GLU A 630 -31.72 -8.82 23.02
CA GLU A 630 -30.77 -9.61 22.23
C GLU A 630 -29.66 -8.73 21.68
N ILE A 631 -29.85 -7.41 21.64
CA ILE A 631 -28.80 -6.50 21.25
C ILE A 631 -27.63 -6.56 22.23
N GLY A 632 -27.88 -7.05 23.45
CA GLY A 632 -26.81 -7.26 24.40
C GLY A 632 -25.87 -8.39 24.03
N GLU A 633 -26.26 -9.23 23.08
CA GLU A 633 -25.41 -10.31 22.61
C GLU A 633 -24.42 -9.85 21.53
N MET A 634 -24.53 -8.60 21.08
CA MET A 634 -23.58 -8.04 20.11
C MET A 634 -22.39 -7.45 20.87
N ILE A 635 -21.57 -8.36 21.41
CA ILE A 635 -20.53 -7.97 22.37
C ILE A 635 -19.53 -7.02 21.72
N ALA A 636 -19.24 -7.20 20.43
CA ALA A 636 -18.26 -6.37 19.75
C ALA A 636 -18.81 -5.01 19.36
N LEU A 637 -20.01 -4.66 19.82
CA LEU A 637 -20.58 -3.36 19.49
C LEU A 637 -19.82 -2.24 20.18
N GLN A 638 -19.62 -1.13 19.47
CA GLN A 638 -18.85 -0.01 19.98
C GLN A 638 -19.60 1.31 19.84
N VAL A 639 -20.46 1.42 18.84
CA VAL A 639 -21.25 2.61 18.58
C VAL A 639 -22.70 2.20 18.38
N LEU A 640 -23.61 2.79 19.15
CA LEU A 640 -25.04 2.47 19.09
C LEU A 640 -25.81 3.79 19.13
N GLU A 641 -26.15 4.30 17.94
CA GLU A 641 -26.85 5.57 17.81
C GLU A 641 -28.27 5.28 17.31
N LEU A 642 -29.27 5.52 18.17
CA LEU A 642 -30.67 5.30 17.83
C LEU A 642 -31.52 6.55 18.10
N SER A 643 -30.89 7.71 18.26
CA SER A 643 -31.60 8.89 18.72
C SER A 643 -32.62 9.39 17.70
N HIS A 644 -33.61 10.15 18.20
CA HIS A 644 -34.62 10.81 17.39
C HIS A 644 -35.51 9.80 16.65
N ASN A 645 -36.02 8.83 17.39
CA ASN A 645 -37.06 7.93 16.91
C ASN A 645 -38.26 8.01 17.84
N GLN A 646 -39.10 6.98 17.88
CA GLN A 646 -40.27 6.92 18.75
C GLN A 646 -40.25 5.64 19.57
N LEU A 647 -39.10 5.34 20.16
CA LEU A 647 -38.93 4.12 20.95
C LEU A 647 -39.47 4.32 22.36
N SER A 648 -39.92 3.22 22.96
CA SER A 648 -40.51 3.24 24.28
C SER A 648 -40.01 2.03 25.07
N GLY A 649 -40.52 1.88 26.29
CA GLY A 649 -40.17 0.74 27.11
C GLY A 649 -38.94 0.98 27.97
N GLU A 650 -38.59 -0.06 28.71
CA GLU A 650 -37.42 -0.01 29.59
C GLU A 650 -36.14 -0.25 28.79
N ILE A 651 -35.02 0.11 29.39
CA ILE A 651 -33.69 -0.13 28.82
C ILE A 651 -33.25 -1.53 29.25
N PRO A 652 -32.96 -2.44 28.32
CA PRO A 652 -32.56 -3.79 28.73
C PRO A 652 -31.33 -3.76 29.62
N PHE A 653 -31.31 -4.68 30.59
CA PHE A 653 -30.12 -4.87 31.43
C PHE A 653 -28.99 -5.55 30.66
N THR A 654 -29.27 -6.14 29.50
CA THR A 654 -28.23 -6.77 28.71
C THR A 654 -27.27 -5.78 28.06
N ILE A 655 -27.62 -4.48 28.07
CA ILE A 655 -26.71 -3.48 27.51
C ILE A 655 -25.39 -3.49 28.26
N GLY A 656 -25.40 -3.80 29.56
CA GLY A 656 -24.18 -3.88 30.31
C GLY A 656 -23.22 -4.95 29.82
N GLN A 657 -23.73 -5.93 29.08
CA GLN A 657 -22.88 -6.95 28.47
C GLN A 657 -22.09 -6.41 27.29
N LEU A 658 -22.41 -5.21 26.81
CA LEU A 658 -21.70 -4.60 25.69
C LEU A 658 -20.44 -3.87 26.19
N LYS A 659 -19.53 -4.68 26.74
CA LYS A 659 -18.29 -4.16 27.31
C LYS A 659 -17.65 -3.10 26.43
N ASN A 660 -17.32 -3.46 25.19
CA ASN A 660 -16.62 -2.58 24.27
C ASN A 660 -17.50 -1.46 23.73
N LEU A 661 -18.71 -1.27 24.24
CA LEU A 661 -19.53 -0.15 23.81
C LEU A 661 -18.87 1.17 24.22
N GLY A 662 -18.86 2.13 23.30
CA GLY A 662 -18.22 3.39 23.54
C GLY A 662 -19.12 4.58 23.31
N VAL A 663 -20.13 4.43 22.45
CA VAL A 663 -21.06 5.50 22.13
C VAL A 663 -22.48 4.94 22.21
N PHE A 664 -23.38 5.70 22.86
CA PHE A 664 -24.76 5.27 23.01
C PHE A 664 -25.65 6.52 22.96
N ASP A 665 -26.26 6.76 21.80
CA ASP A 665 -27.05 7.96 21.54
C ASP A 665 -28.51 7.53 21.43
N ALA A 666 -29.22 7.61 22.55
CA ALA A 666 -30.65 7.27 22.57
C ALA A 666 -31.48 8.48 22.97
N SER A 667 -31.26 9.61 22.30
CA SER A 667 -31.95 10.84 22.61
C SER A 667 -33.18 11.02 21.73
N ASP A 668 -34.08 11.90 22.18
CA ASP A 668 -35.29 12.22 21.43
C ASP A 668 -36.08 10.96 21.10
N ASN A 669 -36.26 10.11 22.12
CA ASN A 669 -37.18 8.99 22.06
C ASN A 669 -38.23 9.12 23.16
N ARG A 670 -38.83 8.00 23.57
CA ARG A 670 -39.82 8.00 24.65
C ARG A 670 -39.56 6.82 25.59
N LEU A 671 -38.29 6.60 25.94
CA LEU A 671 -37.95 5.51 26.84
C LEU A 671 -38.39 5.82 28.26
N GLN A 672 -38.58 4.76 29.05
CA GLN A 672 -39.07 4.87 30.41
C GLN A 672 -38.30 3.89 31.29
N GLY A 673 -38.61 3.92 32.59
CA GLY A 673 -37.98 3.02 33.53
C GLY A 673 -36.72 3.62 34.16
N GLN A 674 -35.90 2.72 34.71
CA GLN A 674 -34.64 3.09 35.33
C GLN A 674 -33.48 2.54 34.51
N ILE A 675 -32.30 3.12 34.74
CA ILE A 675 -31.08 2.72 34.05
C ILE A 675 -30.47 1.56 34.82
N PRO A 676 -30.28 0.39 34.19
CA PRO A 676 -29.68 -0.73 34.93
C PRO A 676 -28.24 -0.43 35.31
N GLU A 677 -27.86 -0.86 36.52
CA GLU A 677 -26.47 -0.70 36.94
C GLU A 677 -25.53 -1.61 36.17
N SER A 678 -26.06 -2.53 35.35
CA SER A 678 -25.22 -3.29 34.43
C SER A 678 -24.40 -2.36 33.54
N PHE A 679 -24.86 -1.13 33.33
CA PHE A 679 -24.07 -0.14 32.61
C PHE A 679 -22.72 0.10 33.27
N SER A 680 -22.58 -0.26 34.56
CA SER A 680 -21.28 -0.12 35.22
C SER A 680 -20.20 -0.91 34.51
N ASN A 681 -20.55 -2.05 33.91
CA ASN A 681 -19.58 -2.85 33.18
C ASN A 681 -19.17 -2.21 31.86
N LEU A 682 -19.80 -1.12 31.45
CA LEU A 682 -19.41 -0.41 30.23
C LEU A 682 -18.20 0.47 30.54
N SER A 683 -17.05 -0.20 30.67
CA SER A 683 -15.82 0.50 31.00
C SER A 683 -15.41 1.46 29.90
N PHE A 684 -15.77 1.18 28.65
CA PHE A 684 -15.31 1.95 27.51
C PHE A 684 -16.34 2.99 27.03
N LEU A 685 -17.43 3.18 27.78
CA LEU A 685 -18.43 4.16 27.39
C LEU A 685 -17.85 5.56 27.58
N VAL A 686 -17.61 6.26 26.47
CA VAL A 686 -17.07 7.62 26.49
C VAL A 686 -18.07 8.65 26.01
N GLN A 687 -19.30 8.23 25.67
CA GLN A 687 -20.31 9.16 25.18
C GLN A 687 -21.67 8.49 25.30
N ILE A 688 -22.61 9.17 25.97
CA ILE A 688 -24.00 8.75 26.03
C ILE A 688 -24.87 9.97 25.78
N ASP A 689 -26.13 9.73 25.40
CA ASP A 689 -27.05 10.80 25.03
C ASP A 689 -28.46 10.29 25.28
N LEU A 690 -29.01 10.62 26.45
CA LEU A 690 -30.36 10.22 26.83
C LEU A 690 -31.29 11.43 26.94
N SER A 691 -31.14 12.38 26.03
CA SER A 691 -31.92 13.60 26.06
C SER A 691 -33.33 13.35 25.51
N ASN A 692 -34.30 14.07 26.10
CA ASN A 692 -35.69 14.03 25.65
C ASN A 692 -36.26 12.61 25.71
N ASN A 693 -36.30 12.08 26.94
CA ASN A 693 -36.92 10.79 27.21
C ASN A 693 -37.76 10.92 28.48
N GLU A 694 -38.24 9.78 28.97
CA GLU A 694 -39.08 9.71 30.16
C GLU A 694 -38.48 8.74 31.17
N LEU A 695 -37.17 8.82 31.38
CA LEU A 695 -36.50 7.93 32.32
C LEU A 695 -36.62 8.47 33.74
N THR A 696 -36.14 7.69 34.69
CA THR A 696 -36.28 8.01 36.11
C THR A 696 -35.43 7.05 36.93
N GLY A 697 -34.90 7.56 38.03
CA GLY A 697 -34.18 6.75 38.98
C GLY A 697 -32.78 7.24 39.25
N PRO A 698 -32.10 6.58 40.20
CA PRO A 698 -30.71 6.94 40.52
C PRO A 698 -29.75 6.46 39.45
N ILE A 699 -29.13 7.39 38.74
CA ILE A 699 -28.24 7.01 37.64
C ILE A 699 -27.05 6.25 38.20
N PRO A 700 -26.74 5.04 37.70
CA PRO A 700 -25.61 4.28 38.23
C PRO A 700 -24.31 5.08 38.28
N GLN A 701 -23.86 5.43 39.48
CA GLN A 701 -22.63 6.19 39.64
C GLN A 701 -21.38 5.37 39.41
N ARG A 702 -21.50 4.05 39.35
CA ARG A 702 -20.36 3.19 39.07
C ARG A 702 -20.12 3.14 37.57
N GLY A 703 -18.88 3.47 37.17
CA GLY A 703 -18.51 3.52 35.77
C GLY A 703 -18.22 4.94 35.31
N GLN A 704 -18.37 5.16 34.02
CA GLN A 704 -18.18 6.48 33.44
C GLN A 704 -19.46 7.29 33.38
N LEU A 705 -20.62 6.67 33.63
CA LEU A 705 -21.89 7.39 33.54
C LEU A 705 -21.88 8.65 34.40
N SER A 706 -21.18 8.63 35.54
CA SER A 706 -21.10 9.80 36.39
C SER A 706 -20.08 10.81 35.88
N THR A 707 -19.03 10.34 35.19
CA THR A 707 -18.02 11.24 34.65
C THR A 707 -18.48 11.97 33.39
N LEU A 708 -19.65 11.62 32.85
CA LEU A 708 -20.18 12.25 31.65
C LEU A 708 -21.01 13.48 32.02
N PRO A 709 -21.14 14.43 31.10
CA PRO A 709 -21.89 15.66 31.42
C PRO A 709 -23.36 15.37 31.67
N ALA A 710 -24.03 16.37 32.26
CA ALA A 710 -25.43 16.22 32.64
C ALA A 710 -26.38 16.53 31.49
N THR A 711 -25.95 17.30 30.50
CA THR A 711 -26.82 17.58 29.36
C THR A 711 -27.15 16.33 28.56
N GLN A 712 -26.37 15.26 28.73
CA GLN A 712 -26.71 13.97 28.14
C GLN A 712 -27.79 13.23 28.92
N TYR A 713 -28.42 13.91 29.87
CA TYR A 713 -29.52 13.33 30.64
C TYR A 713 -30.67 14.32 30.77
N ALA A 714 -30.72 15.35 29.94
CA ALA A 714 -31.70 16.41 30.09
C ALA A 714 -33.10 15.93 29.72
N ASN A 715 -34.09 16.69 30.17
CA ASN A 715 -35.50 16.34 29.93
C ASN A 715 -35.78 14.90 30.38
C1 NAG B . 15.32 2.94 -6.02
C2 NAG B . 14.54 1.87 -6.79
C3 NAG B . 13.43 1.21 -5.98
C4 NAG B . 14.07 0.70 -4.70
C5 NAG B . 14.54 1.95 -3.94
C6 NAG B . 15.09 1.68 -2.55
C7 NAG B . 14.42 2.15 -9.26
C8 NAG B . 13.75 2.92 -10.35
N2 NAG B . 14.02 2.45 -8.01
O3 NAG B . 12.90 0.19 -6.78
O4 NAG B . 13.20 -0.14 -3.97
O5 NAG B . 15.57 2.59 -4.68
O6 NAG B . 14.16 0.94 -1.81
O7 NAG B . 15.28 1.34 -9.51
H2 NAG B . 15.16 1.15 -6.99
H3 NAG B . 12.72 1.83 -5.75
H4 NAG B . 14.82 0.14 -4.94
H5 NAG B . 13.77 2.53 -3.83
H61 NAG B . 15.93 1.21 -2.64
H62 NAG B . 15.29 2.53 -2.13
H81 NAG B . 13.91 2.48 -11.20
H82 NAG B . 12.80 2.95 -10.18
H83 NAG B . 14.11 3.82 -10.38
HN2 NAG B . 13.40 3.05 -7.92
HO3 NAG B . 12.16 -0.05 -6.44
HO6 NAG B . 14.58 0.42 -1.29
C1 NAG B . 11.80 0.17 -4.09
C2 NAG B . 11.10 -0.88 -3.19
C3 NAG B . 10.42 -0.38 -1.92
C4 NAG B . 10.65 1.10 -1.65
C5 NAG B . 10.43 1.79 -3.01
C6 NAG B . 10.18 3.27 -3.03
C7 NAG B . 10.13 -2.65 -4.73
C8 NAG B . 11.46 -3.34 -4.77
N2 NAG B . 10.06 -1.54 -3.98
O3 NAG B . 10.87 -1.19 -0.86
O4 NAG B . 9.70 1.50 -0.69
O5 NAG B . 11.62 1.50 -3.70
O6 NAG B . 9.08 3.57 -2.21
O7 NAG B . 9.18 -3.11 -5.35
H2 NAG B . 11.84 -1.43 -2.92
H3 NAG B . 9.47 -0.46 -2.08
H4 NAG B . 11.54 1.27 -1.31
H5 NAG B . 9.61 1.45 -3.40
H61 NAG B . 10.99 3.72 -2.75
H62 NAG B . 10.03 3.55 -3.96
H81 NAG B . 11.45 -4.01 -5.47
H82 NAG B . 12.15 -2.69 -4.94
H83 NAG B . 11.62 -3.77 -3.92
HN2 NAG B . 9.29 -1.16 -3.94
HO3 NAG B . 10.46 -0.96 -0.16
HO4 NAG B . 9.99 2.20 -0.30
HO6 NAG B . 8.91 4.39 -2.29
C1 NAG C . -23.31 17.96 -17.62
C2 NAG C . -24.42 18.22 -18.64
C3 NAG C . -23.83 18.84 -19.91
C4 NAG C . -22.92 20.02 -19.60
C5 NAG C . -21.93 19.66 -18.50
C6 NAG C . -21.09 20.82 -17.96
C7 NAG C . -26.39 16.71 -18.62
C8 NAG C . -26.85 15.37 -19.10
N2 NAG C . -25.13 17.01 -18.97
O3 NAG C . -24.92 19.21 -20.73
O4 NAG C . -22.23 20.31 -20.81
O5 NAG C . -22.61 19.15 -17.38
O6 NAG C . -20.84 21.73 -18.98
O7 NAG C . -27.10 17.44 -17.96
H2 NAG C . -25.05 18.84 -18.23
H3 NAG C . -23.26 18.17 -20.32
H4 NAG C . -23.48 20.75 -19.31
H5 NAG C . -21.31 19.02 -18.91
H61 NAG C . -21.57 21.22 -17.22
H62 NAG C . -20.27 20.45 -17.59
H81 NAG C . -27.80 15.29 -18.92
H82 NAG C . -26.69 15.29 -20.05
H83 NAG C . -26.36 14.68 -18.62
HN2 NAG C . -24.69 16.42 -19.44
HO3 NAG C . -24.60 19.43 -21.49
C1 NAG C . -22.85 21.35 -21.57
C2 NAG C . -21.83 21.87 -22.59
C3 NAG C . -22.47 22.96 -23.45
C4 NAG C . -23.73 22.41 -24.11
C5 NAG C . -24.67 21.85 -23.03
C6 NAG C . -25.94 21.24 -23.61
C7 NAG C . -19.42 21.81 -21.91
C8 NAG C . -19.22 20.54 -22.68
N2 NAG C . -20.64 22.37 -21.93
O3 NAG C . -21.52 23.39 -24.38
O4 NAG C . -24.33 23.48 -24.82
O5 NAG C . -23.99 20.87 -22.27
O6 NAG C . -26.82 20.90 -22.57
O7 NAG C . -18.47 22.31 -21.33
H2 NAG C . -21.56 21.12 -23.15
H3 NAG C . -22.73 23.70 -22.87
H4 NAG C . -23.47 21.70 -24.70
H5 NAG C . -24.94 22.58 -22.45
H61 NAG C . -26.33 21.89 -24.22
H62 NAG C . -25.69 20.47 -24.14
H81 NAG C . -18.35 20.18 -22.49
H82 NAG C . -19.91 19.90 -22.41
H83 NAG C . -19.31 20.72 -23.62
HN2 NAG C . -20.75 23.11 -21.50
HO3 NAG C . -21.89 23.97 -24.89
HO4 NAG C . -24.80 23.15 -25.45
HO6 NAG C . -27.52 20.57 -22.92
C1 FUC C . -20.38 23.03 -18.51
C2 FUC C . -21.66 23.89 -18.29
C3 FUC C . -22.25 23.86 -16.88
C4 FUC C . -21.14 24.21 -15.88
C5 FUC C . -20.09 23.10 -16.00
C6 FUC C . -18.89 23.38 -15.12
O2 FUC C . -22.61 23.50 -19.26
O3 FUC C . -23.33 24.76 -16.85
O4 FUC C . -20.67 25.50 -16.18
O5 FUC C . -19.59 22.92 -17.31
H2 FUC C . -21.33 24.80 -18.39
H3 FUC C . -22.56 22.96 -16.68
H4 FUC C . -21.49 24.20 -14.98
H5 FUC C . -20.54 22.28 -15.72
H61 FUC C . -18.22 22.68 -15.22
H62 FUC C . -18.49 24.23 -15.35
H63 FUC C . -19.15 23.41 -14.18
HO2 FUC C . -23.30 23.98 -19.15
HO3 FUC C . -23.75 24.65 -16.13
HO4 FUC C . -20.11 25.74 -15.58
C1 NAG D . -26.99 -12.21 -12.22
C2 NAG D . -26.74 -13.15 -13.43
C3 NAG D . -26.89 -12.39 -14.74
C4 NAG D . -28.30 -11.81 -14.79
C5 NAG D . -28.53 -10.91 -13.57
C6 NAG D . -29.98 -10.44 -13.48
C7 NAG D . -24.55 -14.08 -14.20
C8 NAG D . -23.39 -14.88 -13.71
N2 NAG D . -25.49 -13.85 -13.25
O3 NAG D . -26.65 -13.25 -15.81
O4 NAG D . -28.42 -11.12 -16.01
O5 NAG D . -28.24 -11.58 -12.36
O6 NAG D . -30.79 -11.52 -13.07
O7 NAG D . -24.61 -13.70 -15.36
H2 NAG D . -27.42 -13.83 -13.45
H3 NAG D . -26.23 -11.67 -14.75
H4 NAG D . -28.92 -12.56 -14.75
H5 NAG D . -27.94 -10.16 -13.68
H61 NAG D . -30.01 -9.70 -12.85
H62 NAG D . -30.24 -10.07 -14.34
H81 NAG D . -22.62 -14.72 -14.28
H82 NAG D . -23.16 -14.61 -12.80
H83 NAG D . -23.61 -15.82 -13.72
HN2 NAG D . -25.34 -14.16 -12.47
HO3 NAG D . -26.77 -12.82 -16.53
HO4 NAG D . -29.22 -11.18 -16.29
HO6 NAG D . -31.58 -11.24 -13.00
C1 NAG E . 3.32 21.37 -2.01
C2 NAG E . 3.03 19.88 -1.79
C3 NAG E . 2.67 19.50 -0.37
C4 NAG E . 3.25 20.40 0.71
C5 NAG E . 3.32 21.85 0.24
C6 NAG E . 3.94 22.78 1.27
C7 NAG E . 1.28 18.38 -2.79
C8 NAG E . 0.14 18.39 -3.77
N2 NAG E . 1.91 19.55 -2.67
O3 NAG E . 3.12 18.16 -0.19
O4 NAG E . 2.38 20.29 1.83
O5 NAG E . 4.07 21.89 -0.95
O6 NAG E . 3.46 22.46 2.55
O7 NAG E . 1.61 17.36 -2.19
H2 NAG E . 3.84 19.39 -1.99
H3 NAG E . 1.71 19.63 -0.31
H4 NAG E . 4.14 20.08 0.88
H5 NAG E . 2.43 22.20 0.08
H61 NAG E . 4.91 22.69 1.21
H62 NAG E . 3.74 23.68 1.02
H81 NAG E . -0.48 17.66 -3.55
H82 NAG E . -0.32 19.24 -3.71
H83 NAG E . 0.50 18.26 -4.66
HN2 NAG E . 1.63 20.20 -3.17
HO3 NAG E . 3.71 18.17 0.42
HO4 NAG E . 1.74 20.84 1.72
HO6 NAG E . 4.11 22.20 3.02
C1 NAG F . 35.22 15.00 -15.66
C2 NAG F . 35.06 16.32 -14.89
C3 NAG F . 36.01 17.36 -15.48
C4 NAG F . 37.44 16.84 -15.49
C5 NAG F . 37.51 15.49 -16.19
C6 NAG F . 38.87 14.84 -16.12
C7 NAG F . 32.89 17.16 -13.93
C8 NAG F . 33.52 17.15 -12.57
N2 NAG F . 33.68 16.77 -14.97
O3 NAG F . 35.90 18.53 -14.71
O4 NAG F . 38.24 17.81 -16.16
O5 NAG F . 36.57 14.60 -15.61
O6 NAG F . 38.78 13.45 -16.38
O7 NAG F . 31.74 17.53 -14.08
H2 NAG F . 35.28 16.18 -13.96
H3 NAG F . 35.74 17.50 -16.40
H4 NAG F . 37.73 16.74 -14.57
H5 NAG F . 37.29 15.62 -17.13
H61 NAG F . 39.45 15.28 -16.76
H62 NAG F . 39.24 15.00 -15.24
H81 NAG F . 32.87 17.46 -11.91
H82 NAG F . 33.79 16.24 -12.35
H83 NAG F . 34.29 17.74 -12.57
HN2 NAG F . 33.34 16.78 -15.75
HO3 NAG F . 36.39 19.12 -15.06
HO4 NAG F . 39.05 17.72 -15.91
HO6 NAG F . 39.53 13.09 -16.20
C1 NAG G . 6.92 23.64 -2.30
C2 NAG G . 7.29 24.45 -1.05
C3 NAG G . 6.17 25.41 -0.68
C4 NAG G . 5.67 26.19 -1.88
C5 NAG G . 5.36 25.22 -3.03
C6 NAG G . 4.83 25.88 -4.29
C7 NAG G . 8.78 23.18 0.49
C8 NAG G . 8.75 22.22 1.63
N2 NAG G . 7.56 23.55 0.05
O3 NAG G . 6.66 26.27 0.33
O4 NAG G . 4.51 26.89 -1.48
O5 NAG G . 6.55 24.52 -3.33
O6 NAG G . 5.71 26.89 -4.73
O7 NAG G . 9.83 23.55 0.00
H2 NAG G . 8.10 24.96 -1.25
H3 NAG G . 5.43 24.87 -0.36
H4 NAG G . 6.37 26.80 -2.16
H5 NAG G . 4.66 24.62 -2.75
H61 NAG G . 4.70 25.19 -4.96
H62 NAG G . 3.94 26.24 -4.10
H81 NAG G . 9.65 21.95 1.86
H82 NAG G . 8.34 22.65 2.41
H83 NAG G . 8.23 21.44 1.39
HN2 NAG G . 6.88 23.23 0.45
HO3 NAG G . 6.04 26.82 0.52
HO4 NAG G . 4.35 27.51 -2.04
HO6 NAG G . 5.37 27.25 -5.41
#